data_9IW3
#
_entry.id   9IW3
#
loop_
_entity.id
_entity.type
_entity.pdbx_description
1 polymer 'DNA (25-MER)'
2 polymer "DNA (5'-D(P*TP*GP*AP*CP*GP*GP*CP*TP*CP*TP*AP*AP*TP*CP*T)-3')"
3 polymer "DNA (5'-D(P*CP*TP*TP*GP*AP*TP*AP*CP*GP*AP*C)-3')"
4 polymer DdmE
5 non-polymer 'MAGNESIUM ION'
#
loop_
_entity_poly.entity_id
_entity_poly.type
_entity_poly.pdbx_seq_one_letter_code
_entity_poly.pdbx_strand_id
1 'polydeoxyribonucleotide'
;(DA)(DG)(DA)(DT)(DT)(DA)(DG)(DA)(DG)(DC)(DC)(DG)(DT)(DC)(DA)(DC)(DG)(DT)(DA)(DT)
(DC)(DA)(DA)(DG)(DT)
;
C
2 'polydeoxyribonucleotide' (DT)(DG)(DA)(DC)(DG)(DG)(DC)(DT)(DC)(DT)(DA)(DA)(DT)(DC)(DT) B
3 'polydeoxyribonucleotide' (DC)(DT)(DT)(DG)(DA)(DT)(DA)(DC)(DG)(DA)(DC) D
4 'polypeptide(L)'
;MEQQSMIRTTRLDYKINMMQLQADFKFLVVKIIDRSAFKDYNKLLASWSPEAVTSIRGRYKKGDYLMMFRQLPAIPTIAG
LELHEILLEDMGEFKIYPNHLLQLLLNQQSANEKSLLEPCKTPELLISGEEWYREFRDMRQQYYALKLKVNWQQDLEMSV
QTFTQVTEFQWDKQIYQFDEKRGRFQLCYQPSPGIYFVQGNHSANRNYIDFLSLQNKSSFYKSKVGVVQLVLDNLNLNAE
KYLLRPVTFHKSLVEHSSRLKLSKRETIWQQLAGSSLNIYAQVNDRLSQELADQLADHLIRSQLVRKNSVHVVRSQKIQS
GFNIQVIRDVRGRAAEDGYEVAKNDQIVQHLTVENFGHYQEGDKEITWKPKVSGKHHDPARDVAIVKLIQELCIKRDLAN
GKLKTVEPKLASLTQPLEFYYFAFLKKSFDPEVMVIKLAFTPEMELRFSKKKVRLNALTSDDEYTQVCKRVFDSLAAPKF
YSAWDSVDCVVRSGNKQLLIQRLNRTIMPDGKQIRKQLELNRPDKTLWRDKVVEELGELRPMVSGDSDYVAAYEQLQALV
TGMRPSFPLKDLDEAARKAGLNPKRRDMRQVNQFLTENATFTLKTTLQRELPDSPLAGMKWIGLTRIEEGEGHFNTFYFV
GSDKSLKPVVNRAVTLRRLLPLAGDAGIIDELFPKLAAMMSVEFVRSGQYTVVPYPVKYLREYWYSILRQHPEYR
;
A
#
# COMPACT_ATOMS: atom_id res chain seq x y z
N GLN D 4 16.31 -15.29 -12.17
CA GLN D 4 14.94 -15.18 -11.72
C GLN D 4 14.79 -14.03 -10.74
N SER D 5 13.77 -13.20 -10.94
CA SER D 5 13.58 -12.04 -10.08
C SER D 5 13.43 -12.45 -8.63
N MET D 6 13.63 -11.50 -7.72
CA MET D 6 13.53 -11.82 -6.31
C MET D 6 12.85 -10.70 -5.53
N ILE D 7 11.58 -10.90 -5.19
CA ILE D 7 10.86 -9.91 -4.44
C ILE D 7 11.31 -9.93 -3.00
N ARG D 8 11.18 -8.81 -2.30
CA ARG D 8 11.57 -8.74 -0.91
C ARG D 8 10.42 -8.23 -0.07
N THR D 9 9.88 -9.09 0.78
CA THR D 9 8.72 -8.71 1.58
C THR D 9 9.11 -7.94 2.82
N THR D 10 8.17 -7.75 3.73
CA THR D 10 8.44 -7.00 4.93
C THR D 10 9.14 -7.86 5.95
N ARG D 11 8.86 -9.16 5.94
CA ARG D 11 9.45 -10.07 6.91
C ARG D 11 10.94 -9.79 7.05
N LEU D 12 11.42 -9.83 8.29
CA LEU D 12 12.80 -9.54 8.60
C LEU D 12 13.58 -10.83 8.85
N ASP D 13 14.79 -10.89 8.32
CA ASP D 13 15.70 -12.01 8.54
C ASP D 13 16.87 -11.50 9.38
N TYR D 14 17.09 -12.11 10.54
CA TYR D 14 18.10 -11.64 11.46
C TYR D 14 18.40 -12.72 12.48
N LYS D 15 19.58 -12.61 13.09
CA LYS D 15 19.97 -13.46 14.21
C LYS D 15 20.71 -12.61 15.22
N ILE D 16 20.26 -12.68 16.47
CA ILE D 16 20.80 -11.85 17.54
C ILE D 16 21.97 -12.57 18.18
N ASN D 17 23.07 -11.85 18.41
CA ASN D 17 24.21 -12.42 19.14
C ASN D 17 23.76 -12.55 20.58
N MET D 18 23.29 -13.76 20.92
CA MET D 18 22.56 -13.97 22.16
C MET D 18 23.45 -13.70 23.37
N MET D 19 24.66 -14.26 23.35
CA MET D 19 25.58 -14.16 24.47
C MET D 19 26.01 -12.72 24.72
N GLN D 20 26.35 -12.00 23.64
CA GLN D 20 26.76 -10.61 23.78
C GLN D 20 25.64 -9.77 24.36
N LEU D 21 24.40 -10.02 23.95
CA LEU D 21 23.27 -9.33 24.54
C LEU D 21 23.16 -9.63 26.03
N GLN D 22 23.36 -10.90 26.40
CA GLN D 22 23.38 -11.25 27.81
C GLN D 22 24.59 -10.64 28.53
N ALA D 23 25.74 -10.60 27.86
CA ALA D 23 26.98 -10.21 28.54
C ALA D 23 26.96 -8.76 28.97
N ASP D 24 26.54 -7.85 28.09
CA ASP D 24 26.67 -6.42 28.33
C ASP D 24 25.40 -5.77 28.86
N PHE D 25 24.30 -6.51 28.97
CA PHE D 25 23.04 -5.94 29.44
C PHE D 25 22.32 -6.91 30.37
N LYS D 26 21.56 -6.35 31.29
CA LYS D 26 20.77 -7.11 32.27
C LYS D 26 19.31 -6.70 32.12
N PHE D 27 18.52 -7.58 31.48
CA PHE D 27 17.12 -7.29 31.26
C PHE D 27 16.29 -7.61 32.50
N LEU D 28 15.09 -7.03 32.58
CA LEU D 28 14.15 -7.37 33.63
C LEU D 28 12.74 -7.05 33.16
N VAL D 29 11.76 -7.79 33.69
CA VAL D 29 10.37 -7.67 33.27
C VAL D 29 9.56 -7.04 34.39
N VAL D 30 8.49 -6.33 34.01
CA VAL D 30 7.61 -5.65 34.95
C VAL D 30 6.17 -6.00 34.59
N LYS D 31 5.39 -6.43 35.57
CA LYS D 31 3.99 -6.71 35.30
C LYS D 31 3.11 -5.87 36.19
N ILE D 32 2.53 -4.83 35.62
CA ILE D 32 1.65 -3.99 36.40
C ILE D 32 0.52 -4.97 36.65
N ILE D 33 0.45 -5.47 37.87
CA ILE D 33 -0.66 -6.33 38.24
C ILE D 33 -1.98 -5.57 38.18
N ASP D 34 -2.13 -4.56 39.02
CA ASP D 34 -3.40 -3.83 39.08
C ASP D 34 -3.48 -2.69 38.08
N ARG D 35 -4.68 -2.42 37.58
CA ARG D 35 -4.88 -1.35 36.62
C ARG D 35 -4.31 -0.05 37.13
N SER D 36 -4.73 0.35 38.33
CA SER D 36 -4.27 1.62 38.88
C SER D 36 -2.77 1.70 39.11
N ALA D 37 -2.10 0.57 39.19
CA ALA D 37 -0.65 0.59 39.33
C ALA D 37 0.23 1.34 38.37
N PHE D 38 -0.18 1.41 37.12
CA PHE D 38 0.61 2.10 36.11
C PHE D 38 1.23 3.32 36.73
N LYS D 39 0.40 4.16 37.33
CA LYS D 39 0.89 5.38 37.95
C LYS D 39 2.17 5.32 38.76
N ASP D 40 2.42 4.22 39.42
CA ASP D 40 3.60 4.11 40.25
C ASP D 40 4.68 3.79 39.25
N TYR D 41 4.50 2.71 38.50
CA TYR D 41 5.46 2.35 37.49
C TYR D 41 6.03 3.54 36.75
N ASN D 42 5.18 4.48 36.42
CA ASN D 42 5.63 5.69 35.75
C ASN D 42 6.61 6.47 36.63
N LYS D 43 6.14 6.98 37.76
CA LYS D 43 7.08 7.67 38.64
C LYS D 43 8.34 6.85 38.85
N LEU D 44 8.19 5.53 39.00
CA LEU D 44 9.35 4.66 39.16
C LEU D 44 10.24 4.69 37.92
N LEU D 45 9.62 4.66 36.73
CA LEU D 45 10.40 4.69 35.50
C LEU D 45 11.07 6.04 35.29
N ALA D 46 10.44 7.12 35.75
CA ALA D 46 11.03 8.45 35.59
C ALA D 46 12.36 8.56 36.34
N SER D 47 12.43 7.99 37.55
CA SER D 47 13.65 8.02 38.34
C SER D 47 14.71 7.06 37.82
N TRP D 48 14.36 6.16 36.91
CA TRP D 48 15.29 5.20 36.35
C TRP D 48 15.82 5.67 35.00
N SER D 49 16.89 5.02 34.55
CA SER D 49 17.51 5.31 33.26
C SER D 49 17.77 4.01 32.51
N PRO D 50 16.72 3.34 32.06
CA PRO D 50 16.91 2.09 31.31
C PRO D 50 17.52 2.34 29.95
N GLU D 51 18.26 1.35 29.45
CA GLU D 51 18.75 1.42 28.08
C GLU D 51 17.59 1.38 27.09
N ALA D 52 16.59 0.54 27.35
CA ALA D 52 15.45 0.48 26.44
C ALA D 52 14.26 -0.11 27.17
N VAL D 53 13.07 0.15 26.62
CA VAL D 53 11.82 -0.39 27.14
C VAL D 53 10.98 -0.88 25.97
N THR D 54 10.29 -2.00 26.15
CA THR D 54 9.37 -2.51 25.14
C THR D 54 8.21 -3.21 25.84
N SER D 55 7.12 -3.38 25.10
CA SER D 55 5.93 -4.07 25.59
C SER D 55 5.82 -5.42 24.88
N ILE D 56 5.45 -6.44 25.64
CA ILE D 56 5.40 -7.80 25.10
C ILE D 56 3.95 -8.27 24.98
N ARG D 57 3.10 -7.91 25.93
CA ARG D 57 1.72 -8.37 25.98
C ARG D 57 1.63 -9.88 25.82
N GLY D 58 2.22 -10.60 26.76
CA GLY D 58 2.18 -12.04 26.76
C GLY D 58 0.77 -12.58 26.84
N ARG D 59 0.47 -13.61 26.04
CA ARG D 59 -0.86 -14.19 26.09
C ARG D 59 -1.14 -14.60 27.51
N TYR D 60 -0.31 -15.47 28.05
CA TYR D 60 -0.48 -15.93 29.42
C TYR D 60 0.23 -14.97 30.35
N LYS D 61 -0.28 -13.77 30.43
CA LYS D 61 0.31 -12.73 31.27
C LYS D 61 1.81 -12.76 31.04
N LYS D 62 2.57 -13.12 32.08
CA LYS D 62 4.01 -13.27 32.00
C LYS D 62 4.65 -11.90 31.79
N GLY D 63 4.29 -10.95 32.64
CA GLY D 63 4.90 -9.63 32.55
C GLY D 63 4.28 -8.79 31.45
N ASP D 64 4.49 -7.48 31.53
CA ASP D 64 4.00 -6.56 30.52
C ASP D 64 5.15 -5.86 29.80
N TYR D 65 6.06 -5.24 30.57
CA TYR D 65 7.11 -4.46 29.94
C TYR D 65 8.48 -5.10 30.20
N LEU D 66 9.24 -5.32 29.13
CA LEU D 66 10.61 -5.81 29.22
C LEU D 66 11.55 -4.62 29.03
N MET D 67 12.48 -4.45 29.97
CA MET D 67 13.33 -3.28 29.98
C MET D 67 14.79 -3.69 30.16
N MET D 68 15.66 -2.99 29.44
CA MET D 68 17.09 -3.29 29.38
C MET D 68 17.88 -2.15 30.01
N PHE D 69 18.82 -2.51 30.89
CA PHE D 69 19.72 -1.60 31.57
C PHE D 69 21.16 -1.97 31.29
N ARG D 70 22.07 -1.15 31.81
CA ARG D 70 23.48 -1.54 31.90
C ARG D 70 23.80 -2.08 33.28
N GLN D 71 23.42 -1.33 34.32
CA GLN D 71 23.57 -1.74 35.72
C GLN D 71 22.20 -1.66 36.36
N LEU D 72 21.77 -2.77 36.97
CA LEU D 72 20.42 -2.86 37.53
C LEU D 72 20.31 -1.94 38.75
N PRO D 73 19.34 -1.01 38.76
CA PRO D 73 19.08 -0.24 39.98
C PRO D 73 18.47 -1.12 41.05
N ALA D 74 18.59 -0.68 42.29
CA ALA D 74 18.01 -1.40 43.42
C ALA D 74 16.50 -1.55 43.21
N ILE D 75 16.04 -2.78 43.01
CA ILE D 75 14.66 -3.05 42.66
C ILE D 75 13.81 -2.97 43.93
N PRO D 76 12.83 -2.07 44.00
CA PRO D 76 11.95 -2.04 45.17
C PRO D 76 10.74 -2.95 44.99
N THR D 77 9.95 -3.12 46.05
CA THR D 77 8.75 -3.92 46.01
C THR D 77 7.55 -3.02 46.31
N ILE D 78 6.61 -2.94 45.37
CA ILE D 78 5.42 -2.13 45.51
C ILE D 78 4.21 -2.99 45.15
N ALA D 79 3.06 -2.64 45.72
CA ALA D 79 1.82 -3.35 45.45
C ALA D 79 1.26 -2.92 44.10
N GLY D 80 0.46 -3.81 43.51
CA GLY D 80 -0.16 -3.56 42.23
C GLY D 80 0.70 -3.90 41.03
N LEU D 81 1.97 -4.22 41.24
CA LEU D 81 2.88 -4.59 40.17
C LEU D 81 4.03 -5.36 40.78
N GLU D 82 4.82 -6.02 39.92
CA GLU D 82 5.97 -6.76 40.40
C GLU D 82 7.06 -6.76 39.35
N LEU D 83 8.30 -6.68 39.79
CA LEU D 83 9.46 -6.74 38.91
C LEU D 83 10.17 -8.07 39.06
N HIS D 84 10.80 -8.51 37.96
CA HIS D 84 11.48 -9.80 37.96
C HIS D 84 12.75 -9.65 37.13
N GLU D 85 13.90 -9.75 37.80
CA GLU D 85 15.16 -9.88 37.09
C GLU D 85 15.15 -11.20 36.32
N ILE D 86 15.56 -11.15 35.06
CA ILE D 86 15.42 -12.29 34.15
C ILE D 86 16.79 -12.71 33.63
N LEU D 87 16.89 -13.99 33.29
CA LEU D 87 18.02 -14.51 32.54
C LEU D 87 17.56 -14.78 31.11
N LEU D 88 18.50 -14.68 30.17
CA LEU D 88 18.13 -14.64 28.76
C LEU D 88 17.56 -15.97 28.28
N GLU D 89 17.99 -17.08 28.90
CA GLU D 89 17.38 -18.37 28.59
C GLU D 89 15.92 -18.41 29.00
N ASP D 90 15.55 -17.71 30.06
CA ASP D 90 14.13 -17.64 30.44
C ASP D 90 13.35 -16.75 29.48
N MET D 91 14.05 -16.15 28.51
CA MET D 91 13.39 -15.35 27.48
C MET D 91 12.26 -16.13 26.83
N GLY D 92 12.48 -17.42 26.55
CA GLY D 92 11.41 -18.26 26.04
C GLY D 92 10.33 -18.52 27.06
N GLU D 93 10.72 -18.62 28.33
CA GLU D 93 9.77 -19.03 29.38
C GLU D 93 8.66 -18.00 29.54
N PHE D 94 9.01 -16.72 29.53
CA PHE D 94 8.03 -15.66 29.77
C PHE D 94 7.28 -15.27 28.50
N LYS D 95 7.20 -16.16 27.53
CA LYS D 95 6.43 -15.86 26.32
C LYS D 95 7.05 -14.75 25.50
N ILE D 96 8.33 -14.47 25.72
CA ILE D 96 9.02 -13.47 24.92
C ILE D 96 9.59 -14.16 23.69
N TYR D 97 9.78 -13.39 22.63
CA TYR D 97 10.28 -13.89 21.35
C TYR D 97 11.38 -12.98 20.85
N PRO D 98 12.24 -13.48 19.94
CA PRO D 98 13.34 -12.64 19.44
C PRO D 98 12.88 -11.33 18.82
N ASN D 99 11.65 -11.26 18.33
CA ASN D 99 11.16 -9.99 17.81
C ASN D 99 11.09 -8.94 18.90
N HIS D 100 10.77 -9.34 20.14
CA HIS D 100 10.78 -8.38 21.25
C HIS D 100 12.17 -7.84 21.51
N LEU D 101 13.19 -8.72 21.47
CA LEU D 101 14.55 -8.26 21.64
C LEU D 101 14.97 -7.34 20.49
N LEU D 102 14.55 -7.67 19.27
CA LEU D 102 14.87 -6.81 18.13
C LEU D 102 14.24 -5.45 18.28
N GLN D 103 12.98 -5.39 18.72
CA GLN D 103 12.31 -4.10 18.94
C GLN D 103 12.99 -3.32 20.07
N LEU D 104 13.39 -4.03 21.13
CA LEU D 104 14.05 -3.38 22.25
C LEU D 104 15.38 -2.77 21.81
N LEU D 105 16.11 -3.47 20.94
CA LEU D 105 17.35 -2.94 20.41
C LEU D 105 17.09 -1.79 19.42
N LEU D 106 16.01 -1.90 18.64
CA LEU D 106 15.69 -0.89 17.64
C LEU D 106 15.26 0.43 18.28
N ASN D 107 14.65 0.37 19.46
CA ASN D 107 14.15 1.58 20.10
C ASN D 107 15.27 2.60 20.36
N GLN D 108 16.52 2.17 20.41
CA GLN D 108 17.63 3.08 20.67
C GLN D 108 18.12 3.81 19.43
N GLN D 109 17.74 3.38 18.24
CA GLN D 109 18.22 3.99 17.01
C GLN D 109 17.46 5.27 16.69
N SER D 110 18.03 6.05 15.78
CA SER D 110 17.42 7.29 15.29
C SER D 110 17.64 7.38 13.79
N ALA D 111 16.96 8.35 13.17
CA ALA D 111 16.98 8.49 11.72
C ALA D 111 18.21 9.21 11.18
N ASN D 112 18.97 9.88 12.04
CA ASN D 112 20.14 10.61 11.58
C ASN D 112 21.23 9.66 11.09
N GLU D 113 21.92 10.08 10.04
CA GLU D 113 23.03 9.29 9.52
C GLU D 113 24.15 9.21 10.54
N LYS D 114 24.74 8.02 10.65
CA LYS D 114 25.85 7.75 11.58
C LYS D 114 25.44 8.10 13.02
N SER D 115 24.33 7.50 13.45
CA SER D 115 23.79 7.74 14.77
C SER D 115 24.07 6.53 15.66
N LEU D 116 24.64 6.79 16.84
CA LEU D 116 24.99 5.74 17.77
C LEU D 116 23.80 5.40 18.68
N LEU D 117 24.01 4.42 19.55
CA LEU D 117 22.98 4.00 20.49
C LEU D 117 22.77 5.07 21.56
N GLU D 118 21.53 5.21 22.01
CA GLU D 118 21.18 6.15 23.05
C GLU D 118 20.13 5.52 23.98
N PRO D 119 20.07 5.95 25.23
CA PRO D 119 19.01 5.49 26.12
C PRO D 119 17.64 5.90 25.59
N CYS D 120 16.65 5.06 25.85
CA CYS D 120 15.29 5.30 25.39
C CYS D 120 14.30 4.77 26.41
N LYS D 121 13.39 5.63 26.87
CA LYS D 121 12.33 5.23 27.77
C LYS D 121 11.00 5.01 27.07
N THR D 122 10.92 5.30 25.77
CA THR D 122 9.68 5.16 25.03
C THR D 122 9.61 3.78 24.39
N PRO D 123 8.59 2.98 24.69
CA PRO D 123 8.54 1.63 24.11
C PRO D 123 7.97 1.59 22.70
N GLU D 124 8.40 2.51 21.85
CA GLU D 124 7.99 2.52 20.44
C GLU D 124 8.86 3.48 19.65
N LEU D 125 9.38 3.02 18.51
CA LEU D 125 10.19 3.88 17.65
C LEU D 125 9.28 4.76 16.81
N LEU D 126 9.32 6.07 17.05
CA LEU D 126 8.48 7.06 16.38
C LEU D 126 9.41 8.09 15.74
N ILE D 127 9.67 7.93 14.45
CA ILE D 127 10.62 8.79 13.74
C ILE D 127 9.88 9.98 13.14
N SER D 128 10.41 11.19 13.38
CA SER D 128 9.78 12.39 12.87
C SER D 128 10.85 13.32 12.33
N GLY D 129 10.40 14.45 11.78
CA GLY D 129 11.32 15.43 11.22
C GLY D 129 10.71 16.82 11.24
N GLU D 130 11.58 17.80 11.02
CA GLU D 130 11.16 19.20 11.00
C GLU D 130 10.24 19.49 9.81
N GLU D 131 10.38 18.71 8.73
CA GLU D 131 9.61 18.92 7.51
C GLU D 131 8.28 18.18 7.55
N TRP D 132 7.94 17.57 8.68
CA TRP D 132 6.72 16.82 8.86
C TRP D 132 5.78 17.53 9.83
N TYR D 133 5.80 18.86 9.80
CA TYR D 133 5.07 19.66 10.77
C TYR D 133 4.29 20.75 10.07
N ARG D 134 3.01 20.87 10.42
CA ARG D 134 2.17 21.95 9.93
C ARG D 134 1.78 22.88 11.08
N GLU D 135 1.59 24.15 10.74
CA GLU D 135 1.27 25.16 11.73
C GLU D 135 -0.12 24.98 12.34
N PHE D 136 -1.09 24.53 11.55
CA PHE D 136 -2.45 24.26 12.03
C PHE D 136 -3.07 25.51 12.66
N ARG D 137 -3.34 26.52 11.83
CA ARG D 137 -4.05 27.73 12.22
C ARG D 137 -3.16 28.37 13.28
N ASP D 138 -3.69 28.76 14.44
CA ASP D 138 -2.95 29.59 15.39
C ASP D 138 -2.31 28.83 16.54
N MET D 139 -0.98 28.86 16.58
CA MET D 139 -0.14 28.27 17.63
C MET D 139 -0.69 26.94 18.13
N ARG D 140 -0.79 25.98 17.21
CA ARG D 140 -1.13 24.61 17.58
C ARG D 140 -0.30 23.68 16.69
N GLN D 141 0.85 23.25 17.22
CA GLN D 141 1.77 22.45 16.43
C GLN D 141 1.17 21.06 16.16
N GLN D 142 1.66 20.43 15.10
CA GLN D 142 1.16 19.11 14.69
C GLN D 142 2.27 18.39 13.95
N TYR D 143 2.63 17.20 14.41
CA TYR D 143 3.69 16.41 13.80
C TYR D 143 3.17 15.01 13.49
N TYR D 144 3.43 14.54 12.27
CA TYR D 144 3.12 13.17 11.92
C TYR D 144 4.41 12.37 11.83
N ALA D 145 4.44 11.22 12.50
CA ALA D 145 5.65 10.43 12.65
C ALA D 145 5.40 9.01 12.15
N LEU D 146 6.49 8.34 11.81
CA LEU D 146 6.46 6.98 11.26
C LEU D 146 6.85 6.01 12.37
N LYS D 147 5.83 5.41 13.00
CA LYS D 147 6.07 4.38 13.99
C LYS D 147 6.50 3.09 13.32
N LEU D 148 7.60 2.52 13.79
CA LEU D 148 8.13 1.25 13.30
C LEU D 148 8.00 0.21 14.40
N LYS D 149 7.39 -0.93 14.07
CA LYS D 149 7.21 -1.97 15.08
C LYS D 149 7.38 -3.35 14.46
N VAL D 150 8.12 -4.22 15.14
CA VAL D 150 8.29 -5.60 14.72
C VAL D 150 7.31 -6.46 15.51
N ASN D 151 6.38 -7.11 14.80
CA ASN D 151 5.33 -7.89 15.43
C ASN D 151 5.82 -9.31 15.68
N TRP D 152 4.91 -10.20 16.11
CA TRP D 152 5.30 -11.55 16.45
C TRP D 152 5.64 -12.37 15.20
N GLN D 153 5.13 -11.97 14.03
CA GLN D 153 5.42 -12.68 12.79
C GLN D 153 6.66 -12.15 12.08
N GLN D 154 7.51 -11.41 12.79
CA GLN D 154 8.74 -10.83 12.25
C GLN D 154 8.48 -9.84 11.12
N ASP D 155 7.26 -9.33 11.01
CA ASP D 155 6.96 -8.28 10.04
C ASP D 155 7.26 -6.91 10.65
N LEU D 156 7.76 -6.01 9.82
CA LEU D 156 8.11 -4.65 10.24
C LEU D 156 7.00 -3.73 9.77
N GLU D 157 6.03 -3.47 10.64
CA GLU D 157 4.92 -2.60 10.29
C GLU D 157 5.31 -1.14 10.48
N MET D 158 4.99 -0.34 9.47
CA MET D 158 5.24 1.10 9.47
C MET D 158 3.89 1.81 9.45
N SER D 159 3.64 2.64 10.45
CA SER D 159 2.37 3.35 10.58
C SER D 159 2.63 4.84 10.72
N VAL D 160 1.61 5.65 10.44
CA VAL D 160 1.70 7.09 10.62
C VAL D 160 0.85 7.49 11.81
N GLN D 161 1.46 8.20 12.76
CA GLN D 161 0.79 8.63 13.98
C GLN D 161 0.90 10.13 14.10
N THR D 162 -0.21 10.80 14.39
CA THR D 162 -0.27 12.25 14.48
C THR D 162 -0.28 12.69 15.93
N PHE D 163 0.53 13.71 16.23
CA PHE D 163 0.64 14.29 17.55
C PHE D 163 0.29 15.76 17.45
N THR D 164 -0.54 16.23 18.39
CA THR D 164 -1.03 17.59 18.41
C THR D 164 -0.64 18.25 19.73
N GLN D 165 -0.40 19.56 19.66
CA GLN D 165 0.13 20.30 20.80
C GLN D 165 -0.91 20.45 21.90
N VAL D 166 -0.43 20.44 23.15
CA VAL D 166 -1.23 20.76 24.32
C VAL D 166 -0.45 21.77 25.14
N THR D 167 -1.17 22.48 26.02
CA THR D 167 -0.62 23.63 26.74
C THR D 167 -0.36 23.32 28.22
N GLU D 168 -0.37 22.06 28.60
CA GLU D 168 -0.15 21.72 30.00
C GLU D 168 0.25 20.25 30.10
N PHE D 169 0.95 19.93 31.19
CA PHE D 169 1.28 18.53 31.49
C PHE D 169 0.00 17.81 31.89
N GLN D 170 -0.52 16.97 31.01
CA GLN D 170 -1.79 16.29 31.22
C GLN D 170 -1.55 14.86 31.68
N TRP D 171 -2.23 14.48 32.76
CA TRP D 171 -2.19 13.10 33.23
C TRP D 171 -3.13 12.26 32.36
N ASP D 172 -3.40 11.03 32.80
CA ASP D 172 -4.28 10.10 32.06
C ASP D 172 -3.64 9.84 30.71
N LYS D 173 -4.07 10.53 29.64
CA LYS D 173 -3.49 10.34 28.31
C LYS D 173 -1.98 10.53 28.32
N GLN D 174 -1.28 9.79 27.46
CA GLN D 174 0.17 9.88 27.40
C GLN D 174 0.60 11.24 26.88
N ILE D 175 1.80 11.66 27.30
CA ILE D 175 2.36 12.95 26.91
C ILE D 175 3.68 12.69 26.19
N TYR D 176 3.79 13.19 24.96
CA TYR D 176 4.97 13.01 24.14
C TYR D 176 5.65 14.34 23.89
N GLN D 177 6.98 14.32 23.85
CA GLN D 177 7.77 15.50 23.54
C GLN D 177 8.71 15.19 22.37
N PHE D 178 8.93 16.19 21.53
CA PHE D 178 9.76 16.02 20.35
C PHE D 178 11.21 16.33 20.68
N ASP D 179 12.11 15.43 20.31
CA ASP D 179 13.55 15.63 20.46
C ASP D 179 14.08 16.15 19.13
N GLU D 180 14.43 17.43 19.08
CA GLU D 180 14.86 18.04 17.83
C GLU D 180 16.13 17.39 17.31
N LYS D 181 17.11 17.13 18.18
CA LYS D 181 18.37 16.55 17.75
C LYS D 181 18.17 15.14 17.22
N ARG D 182 17.52 14.29 18.00
CA ARG D 182 17.37 12.89 17.60
C ARG D 182 16.29 12.73 16.54
N GLY D 183 15.30 13.62 16.53
CA GLY D 183 14.22 13.55 15.56
C GLY D 183 13.06 12.67 15.93
N ARG D 184 13.10 12.01 17.09
CA ARG D 184 12.05 11.08 17.48
C ARG D 184 11.22 11.64 18.62
N PHE D 185 10.04 11.05 18.81
CA PHE D 185 9.12 11.44 19.87
C PHE D 185 9.37 10.56 21.09
N GLN D 186 9.55 11.20 22.25
CA GLN D 186 9.82 10.49 23.49
C GLN D 186 8.66 10.67 24.46
N LEU D 187 8.26 9.56 25.10
CA LEU D 187 7.23 9.63 26.13
C LEU D 187 7.73 10.43 27.32
N CYS D 188 6.87 11.26 27.88
CA CYS D 188 7.21 12.12 29.00
C CYS D 188 6.51 11.61 30.26
N TYR D 189 7.30 11.36 31.31
CA TYR D 189 6.78 10.84 32.55
C TYR D 189 6.65 11.87 33.66
N GLN D 190 7.42 12.95 33.60
CA GLN D 190 7.41 14.01 34.60
C GLN D 190 7.34 15.35 33.90
N PRO D 191 6.77 16.36 34.55
CA PRO D 191 6.73 17.69 33.93
C PRO D 191 8.13 18.23 33.68
N SER D 192 8.43 18.51 32.41
CA SER D 192 9.74 18.99 32.00
C SER D 192 9.56 20.18 31.08
N PRO D 193 10.54 21.08 31.04
CA PRO D 193 10.46 22.21 30.11
C PRO D 193 10.41 21.74 28.66
N GLY D 194 9.67 22.48 27.85
CA GLY D 194 9.46 22.16 26.45
C GLY D 194 8.02 22.31 26.07
N ILE D 195 7.65 21.64 24.99
CA ILE D 195 6.28 21.66 24.47
C ILE D 195 5.74 20.24 24.48
N TYR D 196 4.47 20.09 24.86
CA TYR D 196 3.86 18.79 25.06
C TYR D 196 2.93 18.44 23.90
N PHE D 197 2.92 17.17 23.51
CA PHE D 197 2.04 16.67 22.46
C PHE D 197 1.27 15.46 22.95
N VAL D 198 0.09 15.26 22.36
CA VAL D 198 -0.73 14.09 22.63
C VAL D 198 -1.15 13.48 21.29
N GLN D 199 -1.45 12.17 21.32
CA GLN D 199 -1.87 11.49 20.11
C GLN D 199 -3.25 11.95 19.69
N GLY D 200 -3.51 11.86 18.39
CA GLY D 200 -4.81 12.22 17.85
C GLY D 200 -4.83 13.54 17.12
N ASN D 201 -5.02 13.49 15.80
CA ASN D 201 -5.13 14.70 15.01
C ASN D 201 -6.43 15.43 15.32
N HIS D 202 -6.38 16.76 15.31
CA HIS D 202 -7.55 17.59 15.57
C HIS D 202 -7.88 18.50 14.39
N SER D 203 -7.47 18.11 13.18
CA SER D 203 -7.76 18.86 11.96
C SER D 203 -8.45 17.95 10.96
N ALA D 204 -8.74 18.51 9.78
CA ALA D 204 -9.37 17.78 8.69
C ALA D 204 -8.37 17.47 7.57
N ASN D 205 -7.11 17.22 7.93
CA ASN D 205 -6.04 16.94 6.96
C ASN D 205 -5.38 15.63 7.37
N ARG D 206 -5.78 14.53 6.73
CA ARG D 206 -5.17 13.24 6.98
C ARG D 206 -3.73 13.22 6.48
N ASN D 207 -2.77 13.19 7.40
CA ASN D 207 -1.37 13.19 7.01
C ASN D 207 -0.99 11.88 6.34
N TYR D 208 -0.24 11.99 5.25
CA TYR D 208 0.18 10.83 4.47
C TYR D 208 1.66 10.92 4.16
N ILE D 209 2.34 9.78 4.22
CA ILE D 209 3.75 9.67 3.88
C ILE D 209 3.87 8.78 2.64
N ASP D 210 4.59 9.28 1.63
CA ASP D 210 4.77 8.52 0.41
C ASP D 210 5.56 7.24 0.70
N PHE D 211 5.12 6.14 0.11
CA PHE D 211 5.76 4.86 0.36
C PHE D 211 7.19 4.84 -0.16
N LEU D 212 7.41 5.39 -1.35
CA LEU D 212 8.74 5.37 -1.96
C LEU D 212 8.89 6.59 -2.84
N SER D 213 10.02 7.27 -2.72
CA SER D 213 10.34 8.45 -3.51
C SER D 213 11.62 8.21 -4.28
N LEU D 214 11.61 8.54 -5.57
CA LEU D 214 12.75 8.30 -6.45
C LEU D 214 13.30 9.57 -7.08
N GLN D 215 12.77 10.74 -6.72
CA GLN D 215 13.23 11.98 -7.35
C GLN D 215 14.70 12.24 -7.06
N ASN D 216 15.11 12.06 -5.80
CA ASN D 216 16.50 12.25 -5.41
C ASN D 216 16.68 11.63 -4.03
N LYS D 217 17.93 11.64 -3.54
CA LYS D 217 18.22 11.08 -2.23
C LYS D 217 17.51 11.83 -1.12
N SER D 218 17.47 13.16 -1.22
CA SER D 218 16.83 13.96 -0.17
C SER D 218 15.34 13.63 -0.05
N SER D 219 14.66 13.51 -1.20
CA SER D 219 13.25 13.12 -1.17
C SER D 219 13.08 11.65 -0.83
N PHE D 220 14.06 10.82 -1.18
CA PHE D 220 14.00 9.40 -0.84
C PHE D 220 14.01 9.20 0.67
N TYR D 221 14.86 9.95 1.37
CA TYR D 221 14.94 9.81 2.82
C TYR D 221 13.71 10.35 3.53
N LYS D 222 12.82 11.04 2.83
CA LYS D 222 11.57 11.51 3.40
C LYS D 222 10.42 10.53 3.18
N SER D 223 10.70 9.37 2.59
CA SER D 223 9.69 8.35 2.34
C SER D 223 9.85 7.20 3.32
N LYS D 224 8.85 6.31 3.32
CA LYS D 224 8.86 5.16 4.22
C LYS D 224 10.08 4.30 3.98
N VAL D 225 10.36 3.98 2.71
CA VAL D 225 11.48 3.11 2.39
C VAL D 225 12.80 3.77 2.79
N GLY D 226 12.93 5.07 2.55
CA GLY D 226 14.16 5.75 2.91
C GLY D 226 14.41 5.76 4.41
N VAL D 227 13.39 6.08 5.20
CA VAL D 227 13.54 6.08 6.65
C VAL D 227 13.85 4.68 7.16
N VAL D 228 13.16 3.68 6.61
CA VAL D 228 13.40 2.30 7.04
C VAL D 228 14.82 1.89 6.70
N GLN D 229 15.31 2.24 5.52
CA GLN D 229 16.68 1.90 5.14
C GLN D 229 17.69 2.59 6.03
N LEU D 230 17.45 3.87 6.37
CA LEU D 230 18.34 4.57 7.29
C LEU D 230 18.39 3.88 8.65
N VAL D 231 17.21 3.51 9.17
CA VAL D 231 17.16 2.85 10.48
C VAL D 231 17.86 1.51 10.43
N LEU D 232 17.63 0.73 9.36
CA LEU D 232 18.27 -0.57 9.25
C LEU D 232 19.79 -0.45 9.15
N ASP D 233 20.27 0.53 8.38
CA ASP D 233 21.71 0.74 8.27
C ASP D 233 22.30 1.14 9.62
N ASN D 234 21.63 2.03 10.34
CA ASN D 234 22.12 2.44 11.65
C ASN D 234 22.13 1.27 12.63
N LEU D 235 21.09 0.43 12.58
CA LEU D 235 21.05 -0.74 13.45
C LEU D 235 22.17 -1.72 13.10
N ASN D 236 22.42 -1.94 11.82
CA ASN D 236 23.48 -2.86 11.42
C ASN D 236 24.84 -2.35 11.83
N LEU D 237 25.07 -1.04 11.71
CA LEU D 237 26.36 -0.48 12.07
C LEU D 237 26.51 -0.26 13.58
N ASN D 238 25.41 -0.29 14.33
CA ASN D 238 25.46 -0.05 15.77
C ASN D 238 25.34 -1.32 16.60
N ALA D 239 24.69 -2.36 16.07
CA ALA D 239 24.46 -3.59 16.81
C ALA D 239 25.25 -4.76 16.21
N GLU D 240 26.35 -4.47 15.51
CA GLU D 240 27.12 -5.53 14.88
C GLU D 240 27.67 -6.52 15.91
N LYS D 241 27.93 -6.06 17.13
CA LYS D 241 28.36 -6.98 18.18
C LYS D 241 27.19 -7.78 18.74
N TYR D 242 25.98 -7.24 18.65
CA TYR D 242 24.80 -7.89 19.21
C TYR D 242 23.99 -8.67 18.19
N LEU D 243 24.44 -8.74 16.94
CA LEU D 243 23.70 -9.40 15.88
C LEU D 243 24.58 -10.48 15.25
N LEU D 244 24.14 -11.73 15.33
CA LEU D 244 24.81 -12.79 14.58
C LEU D 244 24.69 -12.57 13.08
N ARG D 245 23.51 -12.18 12.60
CA ARG D 245 23.27 -11.89 11.21
C ARG D 245 22.59 -10.52 11.09
N PRO D 246 22.93 -9.74 10.07
CA PRO D 246 22.36 -8.39 9.96
C PRO D 246 20.87 -8.43 9.70
N VAL D 247 20.18 -7.39 10.15
CA VAL D 247 18.74 -7.24 9.91
C VAL D 247 18.54 -6.77 8.48
N THR D 248 17.98 -7.64 7.65
CA THR D 248 17.70 -7.29 6.26
C THR D 248 16.35 -7.88 5.87
N PHE D 249 15.72 -7.25 4.88
CA PHE D 249 14.41 -7.69 4.42
C PHE D 249 14.51 -9.04 3.76
N HIS D 250 13.46 -9.86 3.83
CA HIS D 250 13.52 -11.21 3.22
C HIS D 250 13.71 -11.28 1.70
N LYS D 251 14.57 -12.17 1.26
CA LYS D 251 14.66 -12.41 -0.16
C LYS D 251 13.56 -13.40 -0.43
N SER D 252 13.33 -13.76 -1.69
CA SER D 252 12.23 -14.64 -2.08
C SER D 252 12.29 -14.73 -3.60
N LEU D 253 11.80 -15.84 -4.15
CA LEU D 253 11.83 -16.03 -5.60
C LEU D 253 10.40 -15.76 -6.03
N VAL D 254 10.24 -15.47 -7.31
CA VAL D 254 8.94 -15.16 -7.91
C VAL D 254 8.68 -16.17 -9.03
N GLU D 255 7.50 -16.77 -9.01
CA GLU D 255 7.11 -17.78 -10.00
C GLU D 255 5.84 -17.33 -10.70
N HIS D 256 5.65 -17.83 -11.92
CA HIS D 256 4.46 -17.58 -12.72
C HIS D 256 4.21 -16.09 -12.91
N SER D 257 5.28 -15.36 -13.18
CA SER D 257 5.15 -13.94 -13.46
C SER D 257 4.34 -13.72 -14.73
N SER D 258 3.48 -12.70 -14.70
CA SER D 258 2.56 -12.41 -15.79
C SER D 258 2.76 -10.96 -16.22
N ARG D 259 3.50 -10.75 -17.30
CA ARG D 259 3.70 -9.43 -17.88
C ARG D 259 2.62 -9.22 -18.94
N LEU D 260 1.37 -9.26 -18.50
CA LEU D 260 0.22 -9.08 -19.38
C LEU D 260 -0.06 -7.60 -19.53
N LYS D 261 -0.23 -7.14 -20.77
CA LYS D 261 -0.43 -5.74 -21.05
C LYS D 261 -1.92 -5.41 -21.08
N LEU D 262 -2.32 -4.42 -20.28
CA LEU D 262 -3.70 -3.98 -20.29
C LEU D 262 -4.04 -3.31 -21.61
N SER D 263 -5.25 -3.56 -22.10
CA SER D 263 -5.72 -2.90 -23.32
C SER D 263 -6.02 -1.44 -23.04
N LYS D 264 -6.07 -0.65 -24.11
CA LYS D 264 -6.37 0.77 -24.00
C LYS D 264 -7.77 0.95 -23.39
N ARG D 265 -7.90 1.95 -22.52
CA ARG D 265 -9.15 2.18 -21.82
C ARG D 265 -10.29 2.58 -22.75
N GLU D 266 -10.00 3.01 -23.97
CA GLU D 266 -11.04 3.34 -24.93
C GLU D 266 -11.72 2.10 -25.52
N THR D 267 -11.20 0.91 -25.24
CA THR D 267 -11.84 -0.31 -25.70
C THR D 267 -13.24 -0.45 -25.11
N ILE D 268 -13.40 -0.06 -23.84
CA ILE D 268 -14.71 -0.11 -23.20
C ILE D 268 -15.67 0.85 -23.89
N TRP D 269 -15.14 1.93 -24.48
CA TRP D 269 -15.99 2.84 -25.25
C TRP D 269 -16.53 2.14 -26.49
N GLN D 270 -15.70 1.32 -27.12
CA GLN D 270 -16.13 0.57 -28.30
C GLN D 270 -17.22 -0.44 -27.95
N GLN D 271 -17.19 -0.98 -26.73
CA GLN D 271 -18.19 -1.94 -26.30
C GLN D 271 -19.59 -1.35 -26.37
N LEU D 272 -19.74 -0.10 -25.91
CA LEU D 272 -21.00 0.63 -26.02
C LEU D 272 -21.06 1.25 -27.42
N ALA D 273 -21.54 0.46 -28.37
CA ALA D 273 -21.64 0.88 -29.77
C ALA D 273 -23.07 0.67 -30.26
N GLY D 274 -23.62 1.69 -30.93
CA GLY D 274 -24.93 1.58 -31.54
C GLY D 274 -26.10 1.76 -30.59
N SER D 275 -25.86 2.11 -29.33
CA SER D 275 -26.92 2.26 -28.35
C SER D 275 -27.07 3.72 -27.95
N SER D 276 -28.16 4.01 -27.24
CA SER D 276 -28.44 5.35 -26.76
C SER D 276 -28.00 5.50 -25.32
N LEU D 277 -27.56 6.70 -24.97
CA LEU D 277 -27.07 7.03 -23.63
C LEU D 277 -27.78 8.30 -23.18
N ASN D 278 -28.89 8.15 -22.48
CA ASN D 278 -29.67 9.30 -22.04
C ASN D 278 -29.02 9.94 -20.82
N ILE D 279 -29.23 11.26 -20.69
CA ILE D 279 -28.77 12.02 -19.54
C ILE D 279 -29.93 12.89 -19.06
N TYR D 280 -30.28 12.76 -17.78
CA TYR D 280 -31.35 13.53 -17.17
C TYR D 280 -30.96 13.91 -15.74
N ALA D 281 -31.73 14.82 -15.15
CA ALA D 281 -31.38 15.40 -13.87
C ALA D 281 -32.50 15.17 -12.86
N GLN D 282 -32.16 15.35 -11.59
CA GLN D 282 -33.12 15.22 -10.51
C GLN D 282 -34.02 16.44 -10.44
N VAL D 283 -35.25 16.26 -10.91
CA VAL D 283 -36.19 17.37 -10.96
C VAL D 283 -35.54 18.55 -11.62
N ASN D 284 -35.60 19.69 -10.96
CA ASN D 284 -34.94 20.89 -11.48
C ASN D 284 -34.26 21.63 -10.32
N ASP D 285 -32.97 21.38 -10.14
CA ASP D 285 -32.21 22.01 -9.07
C ASP D 285 -31.26 23.10 -9.58
N ARG D 286 -31.17 23.30 -10.89
CA ARG D 286 -30.35 24.34 -11.51
C ARG D 286 -28.85 24.04 -11.35
N LEU D 287 -28.53 23.00 -10.59
CA LEU D 287 -27.14 22.59 -10.43
C LEU D 287 -26.86 21.33 -11.22
N SER D 288 -27.63 20.27 -10.97
CA SER D 288 -27.51 19.05 -11.75
C SER D 288 -28.02 19.27 -13.17
N GLN D 289 -29.04 20.12 -13.31
CA GLN D 289 -29.59 20.42 -14.63
C GLN D 289 -28.52 21.00 -15.55
N GLU D 290 -27.77 21.99 -15.04
CA GLU D 290 -26.73 22.61 -15.86
C GLU D 290 -25.59 21.64 -16.12
N LEU D 291 -25.20 20.88 -15.09
CA LEU D 291 -24.10 19.93 -15.25
C LEU D 291 -24.44 18.84 -16.27
N ALA D 292 -25.72 18.46 -16.33
CA ALA D 292 -26.16 17.49 -17.31
C ALA D 292 -25.95 18.00 -18.72
N ASP D 293 -26.26 19.27 -18.96
CA ASP D 293 -26.08 19.85 -20.29
C ASP D 293 -24.61 19.86 -20.70
N GLN D 294 -23.74 20.26 -19.78
CA GLN D 294 -22.31 20.31 -20.10
C GLN D 294 -21.75 18.93 -20.41
N LEU D 295 -22.17 17.91 -19.66
CA LEU D 295 -21.72 16.56 -19.92
C LEU D 295 -22.18 16.06 -21.28
N ALA D 296 -23.43 16.36 -21.64
CA ALA D 296 -23.98 15.87 -22.90
C ALA D 296 -23.25 16.50 -24.09
N ASP D 297 -23.03 17.81 -24.05
CA ASP D 297 -22.41 18.50 -25.16
C ASP D 297 -20.98 18.01 -25.40
N HIS D 298 -20.23 17.79 -24.33
CA HIS D 298 -18.83 17.38 -24.47
C HIS D 298 -18.72 16.04 -25.18
N LEU D 299 -19.57 15.08 -24.81
CA LEU D 299 -19.50 13.76 -25.43
C LEU D 299 -19.84 13.82 -26.92
N ILE D 300 -20.74 14.74 -27.30
CA ILE D 300 -21.17 14.84 -28.69
C ILE D 300 -19.99 15.22 -29.59
N ARG D 301 -19.19 16.21 -29.16
CA ARG D 301 -18.07 16.69 -29.96
C ARG D 301 -16.81 15.86 -29.78
N SER D 302 -16.85 14.81 -28.97
CA SER D 302 -15.64 14.03 -28.69
C SER D 302 -15.08 13.38 -29.94
N GLN D 303 -15.95 13.06 -30.90
CA GLN D 303 -15.62 12.36 -32.14
C GLN D 303 -15.23 10.90 -31.91
N LEU D 304 -15.16 10.45 -30.66
CA LEU D 304 -15.02 9.03 -30.38
C LEU D 304 -16.35 8.30 -30.43
N VAL D 305 -17.41 8.94 -29.91
CA VAL D 305 -18.74 8.34 -29.99
C VAL D 305 -19.21 8.28 -31.43
N ARG D 306 -18.84 9.27 -32.25
CA ARG D 306 -19.21 9.23 -33.67
C ARG D 306 -18.57 8.06 -34.38
N LYS D 307 -17.32 7.73 -34.03
CA LYS D 307 -16.70 6.53 -34.57
C LYS D 307 -17.45 5.27 -34.13
N ASN D 308 -17.90 5.24 -32.88
CA ASN D 308 -18.57 4.08 -32.32
C ASN D 308 -20.09 4.17 -32.45
N SER D 309 -20.60 5.22 -33.09
CA SER D 309 -22.03 5.38 -33.35
C SER D 309 -22.84 5.35 -32.04
N VAL D 310 -22.40 6.16 -31.08
CA VAL D 310 -23.05 6.24 -29.77
C VAL D 310 -23.99 7.44 -29.79
N HIS D 311 -25.26 7.20 -29.52
CA HIS D 311 -26.27 8.25 -29.50
C HIS D 311 -26.33 8.83 -28.09
N VAL D 312 -25.79 10.03 -27.92
CA VAL D 312 -25.83 10.73 -26.65
C VAL D 312 -26.97 11.73 -26.70
N VAL D 313 -27.99 11.53 -25.88
CA VAL D 313 -29.20 12.34 -25.90
C VAL D 313 -29.43 12.93 -24.52
N ARG D 314 -29.67 14.23 -24.47
CA ARG D 314 -29.95 14.94 -23.21
C ARG D 314 -31.46 14.93 -23.02
N SER D 315 -31.96 13.97 -22.23
CA SER D 315 -33.39 13.80 -22.04
C SER D 315 -33.85 14.45 -20.74
N GLN D 316 -35.16 14.47 -20.55
CA GLN D 316 -35.72 15.13 -19.37
C GLN D 316 -35.94 14.19 -18.21
N LYS D 317 -36.26 12.92 -18.46
CA LYS D 317 -36.60 12.00 -17.39
C LYS D 317 -36.18 10.59 -17.81
N ILE D 318 -36.59 9.61 -17.00
CA ILE D 318 -36.21 8.21 -17.14
C ILE D 318 -36.43 7.72 -18.56
N GLN D 319 -35.43 7.03 -19.12
CA GLN D 319 -35.52 6.46 -20.45
C GLN D 319 -34.95 5.05 -20.42
N SER D 320 -35.23 4.29 -21.47
CA SER D 320 -34.74 2.93 -21.58
C SER D 320 -33.26 2.93 -21.97
N GLY D 321 -32.64 1.76 -21.82
CA GLY D 321 -31.23 1.63 -22.18
C GLY D 321 -30.33 2.31 -21.17
N PHE D 322 -29.11 2.60 -21.61
CA PHE D 322 -28.13 3.25 -20.75
C PHE D 322 -28.59 4.65 -20.37
N ASN D 323 -28.50 4.98 -19.08
CA ASN D 323 -28.96 6.28 -18.58
C ASN D 323 -28.00 6.73 -17.49
N ILE D 324 -27.22 7.77 -17.77
CA ILE D 324 -26.40 8.43 -16.78
C ILE D 324 -27.17 9.63 -16.24
N GLN D 325 -27.27 9.74 -14.92
CA GLN D 325 -28.04 10.80 -14.31
C GLN D 325 -27.17 11.58 -13.33
N VAL D 326 -27.65 12.77 -12.97
CA VAL D 326 -26.95 13.69 -12.09
C VAL D 326 -27.81 13.93 -10.86
N ILE D 327 -27.20 13.79 -9.68
CA ILE D 327 -27.87 14.01 -8.41
C ILE D 327 -27.03 14.94 -7.56
N ARG D 328 -27.56 15.22 -6.37
CA ARG D 328 -26.95 16.16 -5.46
C ARG D 328 -26.28 15.60 -4.21
N ASP D 329 -26.11 14.28 -4.17
CA ASP D 329 -25.47 13.60 -3.03
C ASP D 329 -26.11 14.04 -1.71
N VAL D 330 -27.44 13.97 -1.67
CA VAL D 330 -28.16 14.44 -0.48
C VAL D 330 -27.83 13.56 0.71
N ARG D 331 -28.20 12.29 0.63
CA ARG D 331 -27.95 11.38 1.73
C ARG D 331 -28.42 12.03 3.01
N GLY D 332 -27.51 12.20 3.96
CA GLY D 332 -27.85 12.82 5.23
C GLY D 332 -27.74 14.32 5.24
N ARG D 333 -28.28 14.99 4.21
CA ARG D 333 -28.30 16.45 4.15
C ARG D 333 -29.65 17.02 4.54
N ALA D 334 -30.56 16.19 5.06
CA ALA D 334 -31.89 16.62 5.49
C ALA D 334 -32.66 17.30 4.35
N ALA D 335 -32.87 16.53 3.28
CA ALA D 335 -33.60 17.01 2.11
C ALA D 335 -34.13 15.79 1.36
N GLU D 336 -34.66 16.04 0.16
CA GLU D 336 -35.20 14.96 -0.67
C GLU D 336 -34.06 14.28 -1.42
N ASP D 337 -33.99 12.95 -1.31
CA ASP D 337 -32.97 12.19 -2.02
C ASP D 337 -33.41 11.95 -3.45
N GLY D 338 -32.68 12.52 -4.41
CA GLY D 338 -32.98 12.37 -5.82
C GLY D 338 -32.46 11.11 -6.46
N TYR D 339 -31.84 10.22 -5.69
CA TYR D 339 -31.32 8.97 -6.23
C TYR D 339 -32.48 8.13 -6.77
N GLU D 340 -32.31 7.62 -7.99
CA GLU D 340 -33.34 6.85 -8.67
C GLU D 340 -32.89 5.41 -8.80
N VAL D 341 -33.79 4.48 -8.51
CA VAL D 341 -33.49 3.05 -8.54
C VAL D 341 -33.89 2.49 -9.91
N ALA D 342 -32.97 1.74 -10.52
CA ALA D 342 -33.23 1.13 -11.81
C ALA D 342 -34.34 0.10 -11.71
N LYS D 343 -35.21 0.07 -12.71
CA LYS D 343 -36.33 -0.87 -12.74
C LYS D 343 -36.47 -1.42 -14.15
N ASN D 344 -37.01 -2.63 -14.24
CA ASN D 344 -37.26 -3.33 -15.51
C ASN D 344 -35.92 -3.47 -16.24
N ASP D 345 -35.79 -3.01 -17.48
CA ASP D 345 -34.56 -3.14 -18.24
C ASP D 345 -33.73 -1.86 -18.23
N GLN D 346 -34.11 -0.88 -17.41
CA GLN D 346 -33.36 0.37 -17.31
C GLN D 346 -32.01 0.11 -16.66
N ILE D 347 -30.97 0.73 -17.19
CA ILE D 347 -29.64 0.71 -16.61
C ILE D 347 -29.27 2.14 -16.26
N VAL D 348 -28.98 2.38 -14.99
CA VAL D 348 -28.76 3.73 -14.49
C VAL D 348 -27.44 3.78 -13.75
N GLN D 349 -26.60 4.76 -14.08
CA GLN D 349 -25.39 5.08 -13.34
C GLN D 349 -25.50 6.51 -12.85
N HIS D 350 -25.33 6.71 -11.54
CA HIS D 350 -25.52 8.00 -10.91
C HIS D 350 -24.18 8.68 -10.68
N LEU D 351 -24.16 10.00 -10.82
CA LEU D 351 -23.00 10.80 -10.47
C LEU D 351 -23.49 12.02 -9.70
N THR D 352 -22.64 12.54 -8.82
CA THR D 352 -23.01 13.65 -7.96
C THR D 352 -22.20 14.90 -8.30
N VAL D 353 -22.85 16.05 -8.16
CA VAL D 353 -22.21 17.32 -8.51
C VAL D 353 -21.01 17.58 -7.63
N GLU D 354 -21.12 17.27 -6.34
CA GLU D 354 -20.03 17.55 -5.40
C GLU D 354 -18.79 16.74 -5.74
N ASN D 355 -18.96 15.45 -6.06
CA ASN D 355 -17.81 14.59 -6.32
C ASN D 355 -17.30 14.75 -7.75
N PHE D 356 -18.19 14.61 -8.74
CA PHE D 356 -17.77 14.68 -10.13
C PHE D 356 -17.37 16.11 -10.50
N GLY D 357 -18.18 17.09 -10.16
CA GLY D 357 -17.91 18.45 -10.57
C GLY D 357 -17.00 19.22 -9.63
N HIS D 358 -16.59 18.58 -8.54
CA HIS D 358 -15.79 19.23 -7.50
C HIS D 358 -16.47 20.51 -7.03
N TYR D 359 -17.78 20.44 -6.85
CA TYR D 359 -18.59 21.61 -6.54
C TYR D 359 -18.37 21.97 -5.07
N GLN D 360 -17.36 22.79 -4.83
CA GLN D 360 -17.17 23.38 -3.51
C GLN D 360 -18.31 24.36 -3.24
N GLU D 361 -18.73 24.47 -1.99
CA GLU D 361 -19.81 25.38 -1.64
C GLU D 361 -19.37 26.81 -1.95
N GLY D 362 -19.92 27.38 -3.01
CA GLY D 362 -19.38 28.61 -3.57
C GLY D 362 -20.10 29.02 -4.83
N ASP D 363 -19.33 29.26 -5.90
CA ASP D 363 -19.87 29.69 -7.18
C ASP D 363 -21.08 28.85 -7.59
N LYS D 364 -22.05 29.51 -8.22
CA LYS D 364 -23.31 28.88 -8.58
C LYS D 364 -23.25 28.12 -9.90
N GLU D 365 -22.12 28.19 -10.61
CA GLU D 365 -21.97 27.50 -11.89
C GLU D 365 -20.88 26.43 -11.75
N ILE D 366 -21.13 25.26 -12.35
CA ILE D 366 -20.17 24.18 -12.27
C ILE D 366 -18.96 24.51 -13.13
N THR D 367 -17.77 24.39 -12.54
CA THR D 367 -16.52 24.64 -13.23
C THR D 367 -15.85 23.36 -13.72
N TRP D 368 -16.56 22.23 -13.67
CA TRP D 368 -15.99 20.95 -14.07
C TRP D 368 -15.56 20.96 -15.53
N LYS D 369 -14.36 20.44 -15.78
CA LYS D 369 -13.83 20.33 -17.13
C LYS D 369 -13.07 19.02 -17.29
N PRO D 370 -13.41 18.21 -18.29
CA PRO D 370 -12.71 16.95 -18.49
C PRO D 370 -11.23 17.18 -18.81
N LYS D 371 -10.39 16.24 -18.38
CA LYS D 371 -8.95 16.33 -18.63
C LYS D 371 -8.69 15.86 -20.05
N VAL D 372 -8.58 16.82 -20.97
CA VAL D 372 -8.37 16.54 -22.39
C VAL D 372 -6.88 16.70 -22.69
N SER D 373 -6.30 15.68 -23.31
CA SER D 373 -4.89 15.70 -23.69
C SER D 373 -4.69 14.73 -24.85
N GLY D 374 -3.43 14.52 -25.24
CA GLY D 374 -3.12 13.60 -26.31
C GLY D 374 -3.62 14.03 -27.67
N LYS D 375 -3.05 15.11 -28.20
CA LYS D 375 -3.36 15.63 -29.53
C LYS D 375 -4.86 15.91 -29.41
N HIS D 376 -5.73 15.27 -30.19
CA HIS D 376 -7.17 15.51 -30.08
C HIS D 376 -7.70 15.67 -28.67
N HIS D 377 -8.30 16.82 -28.38
CA HIS D 377 -8.83 17.13 -27.05
C HIS D 377 -10.26 16.59 -26.96
N ASP D 378 -10.36 15.27 -26.84
CA ASP D 378 -11.66 14.60 -26.75
C ASP D 378 -11.98 14.29 -25.29
N PRO D 379 -13.07 14.81 -24.74
CA PRO D 379 -13.40 14.54 -23.33
C PRO D 379 -13.68 13.08 -23.05
N ALA D 380 -13.96 12.26 -24.07
CA ALA D 380 -14.24 10.86 -23.84
C ALA D 380 -13.05 10.11 -23.27
N ARG D 381 -11.84 10.66 -23.34
CA ARG D 381 -10.67 10.04 -22.75
C ARG D 381 -10.50 10.38 -21.27
N ASP D 382 -11.40 11.19 -20.71
CA ASP D 382 -11.31 11.51 -19.29
C ASP D 382 -11.49 10.25 -18.46
N VAL D 383 -10.71 10.14 -17.38
CA VAL D 383 -10.70 8.94 -16.56
C VAL D 383 -12.07 8.73 -15.92
N ALA D 384 -12.65 9.80 -15.37
CA ALA D 384 -13.94 9.67 -14.69
C ALA D 384 -15.04 9.26 -15.66
N ILE D 385 -15.09 9.90 -16.83
CA ILE D 385 -16.14 9.59 -17.80
C ILE D 385 -15.98 8.18 -18.34
N VAL D 386 -14.73 7.72 -18.51
CA VAL D 386 -14.50 6.35 -18.96
C VAL D 386 -15.02 5.36 -17.93
N LYS D 387 -14.76 5.60 -16.64
CA LYS D 387 -15.22 4.70 -15.60
C LYS D 387 -16.75 4.68 -15.54
N LEU D 388 -17.40 5.79 -15.91
CA LEU D 388 -18.85 5.82 -15.96
C LEU D 388 -19.38 4.78 -16.95
N ILE D 389 -18.78 4.71 -18.13
CA ILE D 389 -19.16 3.68 -19.09
C ILE D 389 -18.76 2.30 -18.58
N GLN D 390 -17.62 2.19 -17.90
CA GLN D 390 -17.17 0.90 -17.42
C GLN D 390 -18.17 0.28 -16.45
N GLU D 391 -18.72 1.07 -15.54
CA GLU D 391 -19.76 0.57 -14.64
C GLU D 391 -21.06 0.32 -15.39
N LEU D 392 -21.35 1.15 -16.39
CA LEU D 392 -22.59 0.98 -17.15
C LEU D 392 -22.62 -0.37 -17.86
N CYS D 393 -21.49 -0.77 -18.43
CA CYS D 393 -21.42 -2.08 -19.08
C CYS D 393 -21.60 -3.20 -18.07
N ILE D 394 -20.99 -3.06 -16.88
CA ILE D 394 -21.13 -4.10 -15.85
C ILE D 394 -22.58 -4.22 -15.41
N LYS D 395 -23.24 -3.08 -15.17
CA LYS D 395 -24.63 -3.13 -14.76
C LYS D 395 -25.52 -3.71 -15.84
N ARG D 396 -25.17 -3.50 -17.11
CA ARG D 396 -25.89 -4.17 -18.20
C ARG D 396 -25.73 -5.67 -18.11
N ASP D 397 -24.51 -6.13 -17.80
CA ASP D 397 -24.26 -7.56 -17.66
C ASP D 397 -25.07 -8.15 -16.52
N LEU D 398 -25.16 -7.43 -15.40
CA LEU D 398 -25.94 -7.90 -14.26
C LEU D 398 -27.42 -8.00 -14.62
N ALA D 399 -27.94 -6.98 -15.32
CA ALA D 399 -29.35 -6.97 -15.68
C ALA D 399 -29.67 -8.09 -16.67
N ASN D 400 -28.88 -8.20 -17.74
CA ASN D 400 -29.11 -9.24 -18.73
C ASN D 400 -28.70 -10.61 -18.22
N GLY D 401 -27.89 -10.68 -17.17
CA GLY D 401 -27.41 -11.96 -16.69
C GLY D 401 -26.54 -12.71 -17.67
N LYS D 402 -25.73 -11.99 -18.44
CA LYS D 402 -24.84 -12.60 -19.42
C LYS D 402 -23.50 -11.87 -19.40
N LEU D 403 -22.42 -12.61 -19.65
CA LEU D 403 -21.07 -12.06 -19.63
C LEU D 403 -20.70 -11.66 -21.06
N LYS D 404 -20.39 -10.37 -21.25
CA LYS D 404 -20.02 -9.85 -22.55
C LYS D 404 -18.82 -8.91 -22.53
N THR D 405 -18.35 -8.49 -21.36
CA THR D 405 -17.29 -7.50 -21.27
C THR D 405 -15.92 -8.07 -21.55
N VAL D 406 -15.67 -9.35 -21.22
CA VAL D 406 -14.32 -9.90 -21.20
C VAL D 406 -13.99 -10.68 -22.47
N GLU D 407 -14.76 -10.51 -23.53
CA GLU D 407 -14.42 -11.18 -24.79
C GLU D 407 -14.46 -12.70 -24.67
N PRO D 408 -14.71 -13.36 -25.80
CA PRO D 408 -14.83 -14.82 -25.73
C PRO D 408 -13.65 -15.39 -24.99
N LYS D 409 -12.45 -14.92 -25.30
CA LYS D 409 -11.26 -15.47 -24.68
C LYS D 409 -11.41 -15.56 -23.18
N LEU D 410 -11.33 -14.43 -22.50
CA LEU D 410 -11.36 -14.53 -21.05
C LEU D 410 -12.60 -15.27 -20.56
N ALA D 411 -13.75 -15.06 -21.21
CA ALA D 411 -14.97 -15.72 -20.77
C ALA D 411 -14.82 -17.23 -20.79
N SER D 412 -14.29 -17.78 -21.88
CA SER D 412 -14.04 -19.21 -21.96
C SER D 412 -13.01 -19.68 -20.93
N LEU D 413 -12.13 -18.80 -20.48
CA LEU D 413 -11.18 -19.16 -19.43
C LEU D 413 -11.83 -19.21 -18.06
N THR D 414 -12.80 -18.34 -17.80
CA THR D 414 -13.48 -18.27 -16.50
C THR D 414 -14.72 -19.15 -16.43
N GLN D 415 -15.06 -19.85 -17.51
CA GLN D 415 -16.27 -20.68 -17.51
C GLN D 415 -16.25 -21.78 -16.45
N PRO D 416 -15.21 -22.60 -16.31
CA PRO D 416 -15.27 -23.73 -15.38
C PRO D 416 -14.95 -23.40 -13.93
N LEU D 417 -14.92 -22.13 -13.53
CA LEU D 417 -14.59 -21.75 -12.17
C LEU D 417 -15.78 -21.07 -11.51
N GLU D 418 -15.91 -21.29 -10.20
CA GLU D 418 -16.99 -20.70 -9.41
C GLU D 418 -16.37 -19.93 -8.25
N PHE D 419 -17.04 -18.85 -7.86
CA PHE D 419 -16.53 -17.91 -6.86
C PHE D 419 -17.49 -17.83 -5.69
N TYR D 420 -16.92 -17.71 -4.48
CA TYR D 420 -17.68 -17.53 -3.26
C TYR D 420 -17.30 -16.19 -2.64
N TYR D 421 -18.31 -15.39 -2.31
CA TYR D 421 -18.10 -14.10 -1.68
C TYR D 421 -18.79 -14.10 -0.32
N PHE D 422 -18.06 -13.70 0.71
CA PHE D 422 -18.54 -13.76 2.09
C PHE D 422 -18.80 -12.35 2.60
N ALA D 423 -20.02 -12.13 3.10
CA ALA D 423 -20.43 -10.84 3.66
C ALA D 423 -20.88 -11.08 5.09
N PHE D 424 -20.09 -10.59 6.05
CA PHE D 424 -20.40 -10.76 7.47
C PHE D 424 -21.51 -9.79 7.85
N LEU D 425 -22.66 -10.31 8.24
CA LEU D 425 -23.81 -9.48 8.55
C LEU D 425 -23.57 -8.68 9.82
N LYS D 426 -23.97 -7.40 9.80
CA LYS D 426 -23.73 -6.52 10.94
C LYS D 426 -24.62 -6.91 12.12
N LYS D 427 -25.93 -6.84 11.92
CA LYS D 427 -26.93 -7.04 12.97
C LYS D 427 -27.30 -8.50 13.12
N SER D 428 -28.41 -8.75 13.81
CA SER D 428 -28.92 -10.10 14.07
C SER D 428 -27.99 -10.87 15.00
N PHE D 429 -27.60 -10.18 16.07
CA PHE D 429 -26.76 -10.79 17.09
C PHE D 429 -25.98 -11.97 16.62
N ASP D 430 -26.62 -13.12 16.58
CA ASP D 430 -25.86 -14.32 16.25
C ASP D 430 -24.93 -14.06 15.07
N PRO D 431 -23.66 -14.47 15.18
CA PRO D 431 -22.72 -14.29 14.05
C PRO D 431 -23.27 -14.94 12.79
N GLU D 432 -23.13 -14.25 11.66
CA GLU D 432 -23.77 -14.67 10.43
C GLU D 432 -23.03 -14.06 9.25
N VAL D 433 -22.78 -14.89 8.23
CA VAL D 433 -22.12 -14.48 7.00
C VAL D 433 -22.97 -14.90 5.83
N MET D 434 -23.01 -14.06 4.79
CA MET D 434 -23.73 -14.38 3.57
C MET D 434 -22.78 -15.00 2.55
N VAL D 435 -23.11 -16.20 2.08
CA VAL D 435 -22.30 -16.92 1.11
C VAL D 435 -22.97 -16.80 -0.24
N ILE D 436 -22.32 -16.12 -1.18
CA ILE D 436 -22.85 -15.91 -2.52
C ILE D 436 -21.95 -16.66 -3.50
N LYS D 437 -22.54 -17.55 -4.28
CA LYS D 437 -21.80 -18.37 -5.24
C LYS D 437 -22.20 -17.97 -6.66
N LEU D 438 -21.20 -17.64 -7.47
CA LEU D 438 -21.41 -17.24 -8.85
C LEU D 438 -20.96 -18.36 -9.78
N ALA D 439 -21.82 -18.74 -10.72
CA ALA D 439 -21.52 -19.81 -11.66
C ALA D 439 -21.74 -19.30 -13.07
N PHE D 440 -20.97 -19.86 -14.01
CA PHE D 440 -21.04 -19.48 -15.41
C PHE D 440 -21.55 -20.65 -16.23
N THR D 441 -22.59 -20.40 -17.03
CA THR D 441 -23.11 -21.37 -17.96
C THR D 441 -22.23 -21.46 -19.19
N PRO D 442 -22.34 -22.54 -19.97
CA PRO D 442 -21.59 -22.59 -21.24
C PRO D 442 -21.91 -21.45 -22.17
N GLU D 443 -23.11 -20.88 -22.08
CA GLU D 443 -23.48 -19.70 -22.83
C GLU D 443 -23.10 -18.40 -22.12
N MET D 444 -22.19 -18.49 -21.14
CA MET D 444 -21.69 -17.32 -20.40
C MET D 444 -22.84 -16.51 -19.79
N GLU D 445 -23.78 -17.20 -19.17
CA GLU D 445 -24.87 -16.55 -18.45
C GLU D 445 -24.59 -16.58 -16.95
N LEU D 446 -24.76 -15.43 -16.30
CA LEU D 446 -24.50 -15.31 -14.88
C LEU D 446 -25.59 -16.01 -14.07
N ARG D 447 -25.17 -16.79 -13.09
CA ARG D 447 -26.09 -17.48 -12.18
C ARG D 447 -25.70 -17.13 -10.75
N PHE D 448 -26.48 -16.27 -10.12
CA PHE D 448 -26.22 -15.83 -8.76
C PHE D 448 -27.10 -16.61 -7.79
N SER D 449 -26.48 -17.17 -6.75
CA SER D 449 -27.19 -17.93 -5.75
C SER D 449 -26.55 -17.67 -4.40
N LYS D 450 -27.38 -17.51 -3.37
CA LYS D 450 -26.90 -17.22 -2.03
C LYS D 450 -27.66 -18.06 -1.02
N LYS D 451 -26.99 -18.38 0.08
CA LYS D 451 -27.60 -19.15 1.16
C LYS D 451 -27.09 -18.61 2.48
N LYS D 452 -28.02 -18.23 3.36
CA LYS D 452 -27.66 -17.75 4.68
C LYS D 452 -27.19 -18.91 5.55
N VAL D 453 -26.09 -18.70 6.27
CA VAL D 453 -25.53 -19.71 7.16
C VAL D 453 -25.23 -19.08 8.51
N ARG D 454 -25.43 -19.86 9.57
CA ARG D 454 -25.17 -19.39 10.93
C ARG D 454 -23.81 -19.88 11.38
N LEU D 455 -23.01 -18.97 11.94
CA LEU D 455 -21.65 -19.28 12.33
C LEU D 455 -21.57 -20.22 13.53
N ASN D 456 -22.66 -20.40 14.26
CA ASN D 456 -22.66 -21.26 15.44
C ASN D 456 -22.87 -22.73 15.09
N ALA D 457 -23.62 -23.01 14.03
CA ALA D 457 -23.96 -24.38 13.63
C ALA D 457 -23.56 -24.58 12.18
N LEU D 458 -22.37 -25.15 11.96
CA LEU D 458 -21.89 -25.45 10.62
C LEU D 458 -21.93 -26.94 10.31
N THR D 459 -22.76 -27.71 11.02
CA THR D 459 -22.85 -29.15 10.80
C THR D 459 -23.57 -29.52 9.51
N SER D 460 -24.21 -28.55 8.85
CA SER D 460 -24.95 -28.84 7.63
C SER D 460 -24.02 -29.35 6.54
N ASP D 461 -24.52 -30.28 5.73
CA ASP D 461 -23.75 -30.90 4.66
C ASP D 461 -23.85 -30.16 3.33
N ASP D 462 -24.68 -29.12 3.25
CA ASP D 462 -24.83 -28.39 2.01
C ASP D 462 -23.53 -27.69 1.63
N GLU D 463 -23.37 -27.40 0.34
CA GLU D 463 -22.12 -26.86 -0.17
C GLU D 463 -21.80 -25.50 0.47
N TYR D 464 -22.82 -24.66 0.63
CA TYR D 464 -22.59 -23.31 1.16
C TYR D 464 -22.07 -23.36 2.60
N THR D 465 -22.50 -24.36 3.37
CA THR D 465 -22.03 -24.49 4.74
C THR D 465 -20.59 -25.02 4.78
N GLN D 466 -20.28 -26.00 3.92
CA GLN D 466 -18.96 -26.61 3.95
C GLN D 466 -17.86 -25.60 3.65
N VAL D 467 -18.07 -24.75 2.64
CA VAL D 467 -17.06 -23.75 2.30
C VAL D 467 -16.89 -22.76 3.45
N CYS D 468 -17.99 -22.41 4.12
CA CYS D 468 -17.91 -21.53 5.28
C CYS D 468 -17.12 -22.19 6.40
N LYS D 469 -17.34 -23.49 6.63
CA LYS D 469 -16.59 -24.19 7.67
C LYS D 469 -15.10 -24.22 7.34
N ARG D 470 -14.76 -24.42 6.07
CA ARG D 470 -13.36 -24.42 5.68
C ARG D 470 -12.70 -23.07 5.96
N VAL D 471 -13.39 -21.98 5.62
CA VAL D 471 -12.84 -20.64 5.88
C VAL D 471 -12.81 -20.35 7.37
N PHE D 472 -13.82 -20.83 8.10
CA PHE D 472 -13.94 -20.53 9.53
C PHE D 472 -12.71 -20.99 10.30
N ASP D 473 -12.24 -22.21 10.03
CA ASP D 473 -11.05 -22.71 10.71
C ASP D 473 -9.81 -21.93 10.28
N SER D 474 -9.73 -21.54 9.01
CA SER D 474 -8.54 -20.84 8.52
C SER D 474 -8.37 -19.48 9.18
N LEU D 475 -9.45 -18.73 9.38
CA LEU D 475 -9.35 -17.39 9.94
C LEU D 475 -8.90 -17.45 11.40
N ALA D 476 -8.06 -16.50 11.80
CA ALA D 476 -7.51 -16.50 13.14
C ALA D 476 -8.57 -16.20 14.19
N ALA D 477 -9.34 -15.13 13.99
CA ALA D 477 -10.36 -14.71 14.96
C ALA D 477 -11.67 -14.44 14.22
N PRO D 478 -12.38 -15.49 13.81
CA PRO D 478 -13.62 -15.32 13.04
C PRO D 478 -14.79 -14.88 13.92
N LYS D 479 -14.62 -13.74 14.60
CA LYS D 479 -15.65 -13.18 15.45
C LYS D 479 -15.99 -11.74 15.12
N PHE D 480 -15.13 -11.04 14.38
CA PHE D 480 -15.34 -9.64 14.05
C PHE D 480 -15.54 -9.49 12.55
N TYR D 481 -15.99 -8.29 12.15
CA TYR D 481 -16.18 -8.01 10.73
C TYR D 481 -14.86 -8.12 9.98
N SER D 482 -13.82 -7.45 10.46
CA SER D 482 -12.57 -7.36 9.73
C SER D 482 -11.93 -8.72 9.48
N ALA D 483 -12.27 -9.73 10.29
CA ALA D 483 -11.77 -11.07 10.01
C ALA D 483 -12.32 -11.59 8.68
N TRP D 484 -13.61 -11.39 8.44
CA TRP D 484 -14.21 -11.82 7.17
C TRP D 484 -13.98 -10.81 6.06
N ASP D 485 -13.86 -9.52 6.40
CA ASP D 485 -13.55 -8.52 5.38
C ASP D 485 -12.20 -8.77 4.75
N SER D 486 -11.26 -9.35 5.50
CA SER D 486 -9.97 -9.70 4.92
C SER D 486 -10.13 -10.74 3.82
N VAL D 487 -11.02 -11.70 4.02
CA VAL D 487 -11.29 -12.70 2.99
C VAL D 487 -11.90 -12.03 1.77
N ASP D 488 -11.34 -12.33 0.60
CA ASP D 488 -11.76 -11.70 -0.65
C ASP D 488 -12.68 -12.59 -1.46
N CYS D 489 -12.27 -13.82 -1.75
CA CYS D 489 -13.09 -14.75 -2.52
C CYS D 489 -12.50 -16.15 -2.34
N VAL D 490 -13.25 -17.14 -2.80
CA VAL D 490 -12.83 -18.54 -2.77
C VAL D 490 -13.08 -19.11 -4.17
N VAL D 491 -12.00 -19.33 -4.92
CA VAL D 491 -12.13 -19.89 -6.26
C VAL D 491 -12.34 -21.40 -6.17
N ARG D 492 -13.40 -21.88 -6.81
CA ARG D 492 -13.75 -23.29 -6.77
C ARG D 492 -13.71 -23.86 -8.19
N SER D 493 -13.01 -24.98 -8.35
CA SER D 493 -12.91 -25.68 -9.63
C SER D 493 -13.55 -27.07 -9.55
N GLY D 494 -14.68 -27.16 -8.85
CA GLY D 494 -15.33 -28.44 -8.64
C GLY D 494 -14.96 -29.04 -7.29
N ASN D 495 -14.10 -30.06 -7.32
CA ASN D 495 -13.56 -30.66 -6.10
C ASN D 495 -12.28 -29.96 -5.63
N LYS D 496 -11.99 -28.78 -6.16
CA LYS D 496 -10.79 -28.04 -5.83
C LYS D 496 -11.18 -26.62 -5.42
N GLN D 497 -10.67 -26.18 -4.28
CA GLN D 497 -11.00 -24.86 -3.75
C GLN D 497 -9.73 -24.12 -3.34
N LEU D 498 -9.75 -22.80 -3.50
CA LEU D 498 -8.61 -21.94 -3.17
C LEU D 498 -9.14 -20.69 -2.49
N LEU D 499 -8.51 -20.29 -1.39
CA LEU D 499 -8.93 -19.13 -0.62
C LEU D 499 -7.98 -17.97 -0.83
N ILE D 500 -8.54 -16.79 -1.09
CA ILE D 500 -7.77 -15.56 -1.27
C ILE D 500 -8.03 -14.66 -0.08
N GLN D 501 -6.98 -14.34 0.67
CA GLN D 501 -7.10 -13.56 1.89
C GLN D 501 -6.10 -12.41 1.87
N ARG D 502 -6.54 -11.24 2.32
CA ARG D 502 -5.66 -10.09 2.44
C ARG D 502 -4.72 -10.26 3.63
N LEU D 503 -3.64 -9.48 3.62
CA LEU D 503 -2.67 -9.52 4.70
C LEU D 503 -1.97 -8.16 4.80
N ASN D 504 -1.30 -7.95 5.92
CA ASN D 504 -0.55 -6.73 6.15
C ASN D 504 0.87 -6.80 5.63
N ARG D 505 1.28 -7.93 5.07
CA ARG D 505 2.61 -8.10 4.51
C ARG D 505 2.66 -7.41 3.15
N THR D 506 3.66 -6.55 2.94
CA THR D 506 3.77 -5.76 1.73
C THR D 506 5.12 -5.96 1.07
N ILE D 507 5.16 -5.70 -0.24
CA ILE D 507 6.42 -5.67 -0.98
C ILE D 507 7.24 -4.46 -0.54
N MET D 508 8.51 -4.68 -0.26
CA MET D 508 9.45 -3.61 0.05
C MET D 508 10.60 -3.65 -0.94
N PRO D 509 10.76 -2.64 -1.79
CA PRO D 509 11.90 -2.61 -2.72
C PRO D 509 13.24 -2.68 -2.00
N ASP D 510 14.30 -2.99 -2.75
CA ASP D 510 15.64 -3.11 -2.17
C ASP D 510 16.10 -1.73 -1.72
N GLY D 511 16.01 -1.46 -0.43
CA GLY D 511 16.46 -0.18 0.09
C GLY D 511 17.94 0.04 -0.08
N LYS D 512 18.74 -1.03 -0.01
CA LYS D 512 20.19 -0.89 -0.15
C LYS D 512 20.57 -0.39 -1.54
N GLN D 513 19.94 -0.95 -2.58
CA GLN D 513 20.29 -0.54 -3.94
C GLN D 513 19.78 0.86 -4.25
N ILE D 514 18.59 1.20 -3.78
CA ILE D 514 18.04 2.53 -4.04
C ILE D 514 18.95 3.59 -3.44
N ARG D 515 19.43 3.36 -2.21
CA ARG D 515 20.35 4.30 -1.59
C ARG D 515 21.65 4.41 -2.38
N LYS D 516 22.13 3.30 -2.93
CA LYS D 516 23.39 3.31 -3.65
C LYS D 516 23.33 4.18 -4.90
N GLN D 517 22.32 3.94 -5.75
CA GLN D 517 22.25 4.67 -7.01
C GLN D 517 21.88 6.13 -6.81
N LEU D 518 20.99 6.42 -5.85
CA LEU D 518 20.62 7.81 -5.59
C LEU D 518 21.80 8.60 -5.04
N GLU D 519 22.59 7.99 -4.17
CA GLU D 519 23.84 8.62 -3.74
C GLU D 519 24.78 8.84 -4.91
N LEU D 520 24.78 7.90 -5.87
CA LEU D 520 25.57 8.09 -7.08
C LEU D 520 25.10 9.30 -7.86
N ASN D 521 23.79 9.51 -7.92
CA ASN D 521 23.19 10.63 -8.63
C ASN D 521 22.79 11.77 -7.69
N ARG D 522 23.58 12.01 -6.65
CA ARG D 522 23.28 13.11 -5.74
C ARG D 522 23.37 14.43 -6.49
N PRO D 523 22.37 15.31 -6.35
CA PRO D 523 22.38 16.55 -7.14
C PRO D 523 23.61 17.42 -6.91
N ASP D 524 24.12 17.49 -5.69
CA ASP D 524 25.31 18.31 -5.44
C ASP D 524 26.58 17.53 -5.79
N LYS D 525 26.87 16.47 -5.03
CA LYS D 525 27.93 15.49 -5.34
C LYS D 525 29.23 16.11 -5.85
N THR D 526 29.78 17.02 -5.06
CA THR D 526 31.02 17.69 -5.43
C THR D 526 32.09 16.72 -5.92
N LEU D 527 32.65 17.01 -7.09
CA LEU D 527 33.64 16.14 -7.72
C LEU D 527 34.94 16.89 -7.91
N TRP D 528 35.94 16.18 -8.41
CA TRP D 528 37.23 16.74 -8.79
C TRP D 528 37.53 16.35 -10.23
N ARG D 529 37.97 17.33 -11.02
CA ARG D 529 38.13 17.11 -12.46
C ARG D 529 39.13 16.01 -12.75
N ASP D 530 40.25 15.98 -12.03
CA ASP D 530 41.30 15.00 -12.31
C ASP D 530 40.78 13.58 -12.09
N LYS D 531 40.13 13.33 -10.95
CA LYS D 531 39.66 11.98 -10.65
C LYS D 531 38.60 11.53 -11.65
N VAL D 532 37.70 12.43 -12.04
CA VAL D 532 36.66 12.07 -13.01
C VAL D 532 37.29 11.70 -14.34
N VAL D 533 38.27 12.48 -14.79
CA VAL D 533 38.91 12.21 -16.07
C VAL D 533 39.61 10.85 -16.04
N GLU D 534 40.34 10.57 -14.96
CA GLU D 534 40.99 9.26 -14.83
C GLU D 534 39.95 8.15 -14.75
N GLU D 535 38.87 8.37 -14.00
CA GLU D 535 37.84 7.34 -13.87
C GLU D 535 37.25 6.97 -15.22
N LEU D 536 36.95 7.97 -16.05
CA LEU D 536 36.45 7.68 -17.39
C LEU D 536 37.53 7.06 -18.25
N GLY D 537 38.79 7.42 -18.02
CA GLY D 537 39.88 6.89 -18.83
C GLY D 537 40.07 5.39 -18.67
N GLU D 538 40.07 4.92 -17.41
CA GLU D 538 40.32 3.50 -17.16
C GLU D 538 39.18 2.63 -17.67
N LEU D 539 37.94 3.13 -17.61
CA LEU D 539 36.80 2.33 -18.04
C LEU D 539 36.54 2.45 -19.54
N ARG D 540 37.29 3.28 -20.25
CA ARG D 540 37.11 3.41 -21.70
C ARG D 540 37.30 2.09 -22.44
N PRO D 541 38.33 1.28 -22.17
CA PRO D 541 38.45 0.00 -22.90
C PRO D 541 37.29 -0.95 -22.67
N MET D 542 36.51 -0.78 -21.60
CA MET D 542 35.42 -1.68 -21.27
C MET D 542 34.10 -1.26 -21.90
N VAL D 543 34.07 -0.13 -22.61
CA VAL D 543 32.82 0.36 -23.20
C VAL D 543 32.46 -0.37 -24.48
N SER D 544 33.33 -1.23 -25.01
CA SER D 544 33.10 -1.92 -26.27
C SER D 544 32.74 -0.93 -27.38
N GLY D 545 31.55 -1.07 -27.95
CA GLY D 545 31.08 -0.11 -28.95
C GLY D 545 29.73 -0.42 -29.55
N ASP D 546 28.87 0.60 -29.60
CA ASP D 546 27.56 0.50 -30.25
C ASP D 546 27.31 1.73 -31.11
N SER D 547 28.29 2.07 -31.96
CA SER D 547 28.22 3.23 -32.85
C SER D 547 28.26 4.71 -32.46
N ASP D 548 27.26 5.16 -31.70
CA ASP D 548 27.18 6.58 -31.35
C ASP D 548 27.35 6.43 -29.84
N TYR D 549 27.21 5.22 -29.32
CA TYR D 549 27.42 4.95 -27.89
C TYR D 549 28.80 5.42 -27.44
N VAL D 550 29.85 5.00 -28.14
CA VAL D 550 31.19 5.45 -27.77
C VAL D 550 31.36 6.93 -28.08
N ALA D 551 30.78 7.40 -29.18
CA ALA D 551 30.88 8.82 -29.53
C ALA D 551 30.25 9.69 -28.45
N ALA D 552 29.10 9.28 -27.92
CA ALA D 552 28.51 9.99 -26.79
C ALA D 552 29.42 9.91 -25.57
N TYR D 553 30.01 8.73 -25.33
CA TYR D 553 30.93 8.58 -24.20
C TYR D 553 32.16 9.47 -24.37
N GLU D 554 32.72 9.52 -25.59
CA GLU D 554 33.84 10.41 -25.85
C GLU D 554 33.42 11.86 -25.75
N GLN D 555 32.19 12.19 -26.17
CA GLN D 555 31.68 13.54 -26.00
C GLN D 555 31.57 13.90 -24.52
N LEU D 556 31.11 12.96 -23.70
CA LEU D 556 31.04 13.19 -22.27
C LEU D 556 32.43 13.39 -21.67
N GLN D 557 33.41 12.62 -22.14
CA GLN D 557 34.79 12.79 -21.66
C GLN D 557 35.31 14.18 -22.00
N ALA D 558 35.03 14.65 -23.22
CA ALA D 558 35.47 15.98 -23.61
C ALA D 558 34.77 17.07 -22.81
N LEU D 559 33.51 16.84 -22.45
CA LEU D 559 32.76 17.85 -21.71
C LEU D 559 33.39 18.13 -20.35
N VAL D 560 33.78 17.07 -19.63
CA VAL D 560 34.36 17.27 -18.31
C VAL D 560 35.77 17.84 -18.42
N THR D 561 36.42 17.67 -19.57
CA THR D 561 37.80 18.15 -19.72
C THR D 561 37.87 19.67 -19.62
N GLY D 562 36.93 20.36 -20.25
CA GLY D 562 36.95 21.81 -20.28
C GLY D 562 36.25 22.51 -19.13
N MET D 563 35.79 21.77 -18.12
CA MET D 563 35.03 22.35 -17.03
C MET D 563 35.95 22.78 -15.88
N ARG D 564 35.34 23.39 -14.87
CA ARG D 564 36.08 23.83 -13.70
C ARG D 564 36.56 22.63 -12.89
N PRO D 565 37.72 22.75 -12.23
CA PRO D 565 38.25 21.59 -11.48
C PRO D 565 37.30 21.01 -10.45
N SER D 566 36.51 21.85 -9.78
CA SER D 566 35.55 21.39 -8.78
C SER D 566 34.17 21.91 -9.16
N PHE D 567 33.27 21.01 -9.55
CA PHE D 567 31.94 21.39 -9.98
C PHE D 567 30.91 20.45 -9.35
N PRO D 568 29.71 20.94 -9.09
CA PRO D 568 28.62 20.05 -8.68
C PRO D 568 28.13 19.22 -9.84
N LEU D 569 27.48 18.11 -9.52
CA LEU D 569 26.96 17.22 -10.56
C LEU D 569 25.88 17.91 -11.39
N LYS D 570 25.11 18.83 -10.79
CA LYS D 570 24.07 19.51 -11.52
C LYS D 570 24.64 20.35 -12.65
N ASP D 571 25.76 21.03 -12.41
CA ASP D 571 26.40 21.80 -13.48
C ASP D 571 26.85 20.91 -14.62
N LEU D 572 27.46 19.78 -14.32
CA LEU D 572 27.84 18.83 -15.37
C LEU D 572 26.60 18.26 -16.06
N ASP D 573 25.56 17.95 -15.28
CA ASP D 573 24.30 17.50 -15.88
C ASP D 573 23.70 18.56 -16.78
N GLU D 574 23.72 19.82 -16.32
CA GLU D 574 23.23 20.92 -17.15
C GLU D 574 24.06 21.07 -18.42
N ALA D 575 25.38 20.91 -18.30
CA ALA D 575 26.25 21.01 -19.47
C ALA D 575 25.94 19.92 -20.49
N ALA D 576 25.69 18.69 -20.01
CA ALA D 576 25.38 17.60 -20.93
C ALA D 576 24.08 17.87 -21.69
N ARG D 577 23.14 18.57 -21.06
CA ARG D 577 21.90 18.93 -21.75
C ARG D 577 22.17 19.85 -22.93
N LYS D 578 23.06 20.83 -22.75
CA LYS D 578 23.47 21.67 -23.88
C LYS D 578 24.23 20.86 -24.91
N ALA D 579 25.05 19.91 -24.48
CA ALA D 579 25.82 19.08 -25.40
C ALA D 579 24.96 18.13 -26.21
N GLY D 580 23.69 17.94 -25.83
CA GLY D 580 22.79 17.08 -26.56
C GLY D 580 22.67 15.67 -26.02
N LEU D 581 23.30 15.37 -24.89
CA LEU D 581 23.22 14.04 -24.29
C LEU D 581 21.98 13.95 -23.41
N ASN D 582 20.82 14.07 -24.07
CA ASN D 582 19.54 13.96 -23.38
C ASN D 582 19.34 12.53 -22.87
N PRO D 583 18.92 12.36 -21.62
CA PRO D 583 18.77 11.02 -21.05
C PRO D 583 17.50 10.32 -21.52
N LYS D 584 17.25 10.38 -22.82
CA LYS D 584 16.12 9.70 -23.45
C LYS D 584 16.46 9.01 -24.75
N ARG D 585 17.61 9.29 -25.35
CA ARG D 585 18.02 8.67 -26.61
C ARG D 585 18.86 7.43 -26.31
N ARG D 586 18.98 6.56 -27.32
CA ARG D 586 19.69 5.30 -27.18
C ARG D 586 21.13 5.53 -26.74
N ASP D 587 21.78 6.55 -27.29
CA ASP D 587 23.19 6.79 -27.02
C ASP D 587 23.43 7.08 -25.54
N MET D 588 22.70 8.04 -24.98
CA MET D 588 22.92 8.45 -23.60
C MET D 588 22.58 7.31 -22.65
N ARG D 589 21.47 6.60 -22.91
CA ARG D 589 20.99 5.59 -21.99
C ARG D 589 22.04 4.51 -21.74
N GLN D 590 22.69 4.03 -22.81
CA GLN D 590 23.75 3.04 -22.65
C GLN D 590 24.91 3.63 -21.86
N VAL D 591 25.29 4.87 -22.15
CA VAL D 591 26.29 5.55 -21.32
C VAL D 591 25.77 5.70 -19.91
N ASN D 592 24.50 6.07 -19.77
CA ASN D 592 23.88 6.26 -18.46
C ASN D 592 23.91 4.98 -17.64
N GLN D 593 23.51 3.86 -18.24
CA GLN D 593 23.47 2.60 -17.52
C GLN D 593 24.88 2.13 -17.15
N PHE D 594 25.83 2.29 -18.08
CA PHE D 594 27.18 1.81 -17.84
C PHE D 594 27.83 2.52 -16.66
N LEU D 595 27.59 3.82 -16.54
CA LEU D 595 28.19 4.59 -15.45
C LEU D 595 27.70 4.11 -14.09
N THR D 596 26.41 3.77 -14.00
CA THR D 596 25.83 3.37 -12.72
C THR D 596 26.48 2.11 -12.17
N GLU D 597 26.77 1.14 -13.06
CA GLU D 597 27.35 -0.12 -12.60
C GLU D 597 28.72 0.09 -11.97
N ASN D 598 29.56 0.92 -12.59
CA ASN D 598 30.93 1.10 -12.10
C ASN D 598 31.41 2.53 -12.40
N ALA D 599 31.24 3.40 -11.41
CA ALA D 599 31.75 4.77 -11.43
C ALA D 599 31.50 5.39 -10.07
N THR D 600 31.87 6.66 -9.92
CA THR D 600 31.54 7.44 -8.72
C THR D 600 30.48 8.50 -8.99
N PHE D 601 29.89 8.51 -10.20
CA PHE D 601 28.84 9.45 -10.53
C PHE D 601 28.04 8.89 -11.70
N THR D 602 26.83 9.42 -11.88
CA THR D 602 25.98 9.03 -12.99
C THR D 602 25.04 10.18 -13.31
N LEU D 603 24.71 10.33 -14.59
CA LEU D 603 23.81 11.40 -15.03
C LEU D 603 22.36 11.11 -14.66
N LYS D 604 22.00 9.85 -14.52
CA LYS D 604 20.63 9.44 -14.25
C LYS D 604 20.66 7.98 -13.78
N THR D 605 19.77 7.64 -12.86
CA THR D 605 19.74 6.29 -12.33
C THR D 605 19.00 5.36 -13.27
N THR D 606 19.19 4.05 -13.05
CA THR D 606 18.48 3.01 -13.79
C THR D 606 17.30 2.46 -13.01
N LEU D 607 16.80 3.23 -12.03
CA LEU D 607 15.73 2.72 -11.17
C LEU D 607 14.43 2.55 -11.94
N GLN D 608 14.05 3.55 -12.74
CA GLN D 608 12.78 3.48 -13.46
C GLN D 608 12.81 2.42 -14.55
N ARG D 609 13.93 2.30 -15.26
CA ARG D 609 14.01 1.34 -16.35
C ARG D 609 14.11 -0.08 -15.82
N GLU D 610 13.57 -1.02 -16.60
CA GLU D 610 13.62 -2.43 -16.23
C GLU D 610 15.00 -3.01 -16.52
N LEU D 611 15.40 -3.97 -15.70
CA LEU D 611 16.71 -4.58 -15.79
C LEU D 611 16.58 -6.04 -15.44
N PRO D 612 17.58 -6.87 -15.80
CA PRO D 612 17.56 -8.28 -15.41
C PRO D 612 17.29 -8.50 -13.93
N ASP D 613 17.97 -7.74 -13.08
CA ASP D 613 17.73 -7.78 -11.63
C ASP D 613 17.53 -6.32 -11.21
N SER D 614 16.30 -5.84 -11.31
CA SER D 614 16.01 -4.46 -10.93
C SER D 614 15.75 -4.38 -9.44
N PRO D 615 16.27 -3.35 -8.76
CA PRO D 615 15.93 -3.17 -7.35
C PRO D 615 14.45 -2.97 -7.10
N LEU D 616 13.74 -2.34 -8.03
CA LEU D 616 12.30 -2.17 -7.92
C LEU D 616 11.63 -3.45 -8.42
N ALA D 617 11.74 -4.50 -7.63
CA ALA D 617 11.17 -5.80 -7.96
C ALA D 617 9.97 -6.07 -7.09
N GLY D 618 8.87 -6.51 -7.70
CA GLY D 618 7.63 -6.73 -7.00
C GLY D 618 6.66 -5.57 -7.06
N MET D 619 7.09 -4.40 -7.53
CA MET D 619 6.21 -3.26 -7.70
C MET D 619 5.52 -3.23 -9.06
N LYS D 620 5.82 -4.20 -9.92
CA LYS D 620 5.24 -4.25 -11.26
C LYS D 620 4.76 -5.66 -11.56
N TRP D 621 3.80 -5.74 -12.48
CA TRP D 621 3.29 -7.01 -13.00
C TRP D 621 2.66 -7.85 -11.89
N ILE D 622 2.32 -9.11 -12.22
CA ILE D 622 1.73 -10.04 -11.27
C ILE D 622 2.69 -11.22 -11.12
N GLY D 623 3.02 -11.56 -9.89
CA GLY D 623 3.89 -12.68 -9.63
C GLY D 623 3.42 -13.46 -8.41
N LEU D 624 3.96 -14.67 -8.29
CA LEU D 624 3.65 -15.57 -7.18
C LEU D 624 4.92 -15.93 -6.45
N THR D 625 4.86 -15.92 -5.12
CA THR D 625 6.01 -16.21 -4.28
C THR D 625 5.63 -17.19 -3.18
N ARG D 626 6.62 -17.93 -2.70
CA ARG D 626 6.43 -18.95 -1.67
C ARG D 626 7.31 -18.58 -0.47
N ILE D 627 6.76 -17.79 0.45
CA ILE D 627 7.50 -17.34 1.62
C ILE D 627 7.56 -18.48 2.64
N GLU D 628 8.76 -18.69 3.20
CA GLU D 628 9.02 -19.77 4.15
C GLU D 628 8.75 -19.23 5.55
N GLU D 629 7.49 -19.34 5.99
CA GLU D 629 7.11 -18.84 7.31
C GLU D 629 7.42 -19.85 8.41
N GLY D 630 6.79 -21.01 8.35
CA GLY D 630 6.98 -22.06 9.34
C GLY D 630 7.67 -23.26 8.69
N GLU D 631 8.60 -23.85 9.42
CA GLU D 631 9.42 -24.94 8.88
C GLU D 631 8.54 -26.06 8.35
N GLY D 632 8.60 -26.25 7.03
CA GLY D 632 7.74 -27.20 6.33
C GLY D 632 6.45 -26.60 5.82
N HIS D 633 5.89 -25.64 6.57
CA HIS D 633 4.62 -25.01 6.19
C HIS D 633 4.92 -23.80 5.29
N PHE D 634 5.09 -24.09 4.01
CA PHE D 634 5.28 -23.02 3.03
C PHE D 634 3.97 -22.27 2.83
N ASN D 635 4.07 -20.94 2.75
CA ASN D 635 2.93 -20.08 2.51
C ASN D 635 3.06 -19.41 1.14
N THR D 636 1.97 -19.39 0.39
CA THR D 636 1.96 -18.87 -0.97
C THR D 636 1.26 -17.51 -1.01
N PHE D 637 1.87 -16.56 -1.69
CA PHE D 637 1.32 -15.22 -1.84
C PHE D 637 1.49 -14.76 -3.27
N TYR D 638 0.62 -13.84 -3.68
CA TYR D 638 0.72 -13.19 -4.98
C TYR D 638 0.61 -11.69 -4.81
N PHE D 639 1.42 -10.96 -5.57
CA PHE D 639 1.47 -9.51 -5.50
C PHE D 639 1.03 -8.90 -6.81
N VAL D 640 0.40 -7.73 -6.73
CA VAL D 640 -0.11 -7.03 -7.91
C VAL D 640 0.54 -5.66 -7.96
N GLY D 641 1.28 -5.39 -9.04
CA GLY D 641 1.93 -4.12 -9.21
C GLY D 641 1.22 -3.21 -10.18
N SER D 642 1.99 -2.45 -10.97
CA SER D 642 1.44 -1.55 -11.97
C SER D 642 2.02 -1.88 -13.33
N ASP D 643 1.16 -1.91 -14.35
CA ASP D 643 1.62 -2.24 -15.70
C ASP D 643 2.51 -1.15 -16.29
N LYS D 644 2.15 0.12 -16.11
CA LYS D 644 2.98 1.19 -16.65
C LYS D 644 4.25 1.34 -15.81
N SER D 645 5.22 2.06 -16.35
CA SER D 645 6.43 2.37 -15.59
C SER D 645 6.08 3.28 -14.43
N LEU D 646 6.66 2.99 -13.27
CA LEU D 646 6.29 3.68 -12.05
C LEU D 646 6.68 5.16 -12.11
N LYS D 647 5.82 6.00 -11.53
CA LYS D 647 6.07 7.43 -11.48
C LYS D 647 7.25 7.70 -10.54
N PRO D 648 7.86 8.88 -10.65
CA PRO D 648 8.99 9.20 -9.77
C PRO D 648 8.67 9.05 -8.29
N VAL D 649 7.44 9.33 -7.87
CA VAL D 649 7.01 9.14 -6.49
C VAL D 649 5.90 8.10 -6.47
N VAL D 650 5.95 7.21 -5.50
CA VAL D 650 4.95 6.15 -5.33
C VAL D 650 4.29 6.39 -3.98
N ASN D 651 2.98 6.63 -3.99
CA ASN D 651 2.32 6.96 -2.73
C ASN D 651 2.07 5.71 -1.90
N ARG D 652 1.43 4.72 -2.48
CA ARG D 652 1.08 3.53 -1.73
C ARG D 652 2.02 2.39 -2.09
N ALA D 653 1.78 1.23 -1.47
CA ALA D 653 2.61 0.05 -1.64
C ALA D 653 1.79 -1.09 -2.24
N VAL D 654 2.39 -2.27 -2.31
CA VAL D 654 1.76 -3.46 -2.85
C VAL D 654 1.62 -4.47 -1.72
N THR D 655 0.37 -4.84 -1.40
CA THR D 655 0.11 -5.80 -0.34
C THR D 655 0.18 -7.22 -0.90
N LEU D 656 0.30 -8.18 0.02
CA LEU D 656 0.40 -9.60 -0.33
C LEU D 656 -0.92 -10.28 -0.01
N ARG D 657 -1.68 -10.63 -1.04
CA ARG D 657 -2.81 -11.51 -0.87
C ARG D 657 -2.33 -12.94 -0.68
N ARG D 658 -3.04 -13.71 0.13
CA ARG D 658 -2.61 -15.04 0.55
C ARG D 658 -3.49 -16.10 -0.09
N LEU D 659 -2.87 -17.10 -0.69
CA LEU D 659 -3.57 -18.23 -1.29
C LEU D 659 -3.25 -19.48 -0.48
N LEU D 660 -4.29 -20.14 0.03
CA LEU D 660 -4.11 -21.39 0.75
C LEU D 660 -5.09 -22.43 0.20
N PRO D 661 -4.64 -23.66 0.00
CA PRO D 661 -5.52 -24.70 -0.56
C PRO D 661 -6.48 -25.23 0.49
N LEU D 662 -7.75 -24.87 0.35
CA LEU D 662 -8.77 -25.41 1.25
C LEU D 662 -9.00 -26.90 1.01
N ALA D 663 -8.84 -27.34 -0.23
CA ALA D 663 -8.99 -28.76 -0.57
C ALA D 663 -8.33 -29.00 -1.92
N GLY D 664 -7.40 -29.95 -1.96
CA GLY D 664 -6.72 -30.26 -3.21
C GLY D 664 -5.20 -30.23 -3.13
N ASP D 665 -4.67 -30.33 -1.91
CA ASP D 665 -3.24 -30.40 -1.59
C ASP D 665 -2.50 -29.29 -2.35
N ALA D 666 -1.30 -29.56 -2.87
CA ALA D 666 -0.47 -28.51 -3.46
C ALA D 666 -0.72 -28.27 -4.94
N GLY D 667 -1.46 -29.17 -5.61
CA GLY D 667 -1.76 -28.96 -7.02
C GLY D 667 -2.71 -27.81 -7.27
N ILE D 668 -3.30 -27.25 -6.20
CA ILE D 668 -4.26 -26.16 -6.36
C ILE D 668 -3.60 -24.94 -6.95
N ILE D 669 -2.47 -24.53 -6.38
CA ILE D 669 -1.89 -23.22 -6.71
C ILE D 669 -1.35 -23.20 -8.13
N ASP D 670 -0.69 -24.29 -8.55
CA ASP D 670 0.00 -24.28 -9.84
C ASP D 670 -0.99 -24.22 -11.01
N GLU D 671 -2.17 -24.81 -10.83
CA GLU D 671 -3.12 -24.87 -11.94
C GLU D 671 -3.96 -23.60 -12.05
N LEU D 672 -4.54 -23.15 -10.94
CA LEU D 672 -5.47 -22.03 -10.99
C LEU D 672 -4.79 -20.68 -11.16
N PHE D 673 -3.55 -20.53 -10.70
CA PHE D 673 -2.91 -19.21 -10.78
C PHE D 673 -2.77 -18.69 -12.21
N PRO D 674 -2.34 -19.47 -13.21
CA PRO D 674 -2.37 -18.94 -14.58
C PRO D 674 -3.77 -18.54 -15.02
N LYS D 675 -4.81 -19.23 -14.52
CA LYS D 675 -6.17 -18.80 -14.79
C LYS D 675 -6.43 -17.43 -14.16
N LEU D 676 -6.09 -17.29 -12.87
CA LEU D 676 -6.29 -16.01 -12.20
C LEU D 676 -5.41 -14.91 -12.79
N ALA D 677 -4.24 -15.27 -13.32
CA ALA D 677 -3.38 -14.27 -13.94
C ALA D 677 -4.10 -13.56 -15.07
N ALA D 678 -4.82 -14.32 -15.90
CA ALA D 678 -5.63 -13.70 -16.94
C ALA D 678 -6.87 -13.03 -16.36
N MET D 679 -7.37 -13.52 -15.23
CA MET D 679 -8.48 -12.85 -14.56
C MET D 679 -8.10 -11.47 -14.07
N MET D 680 -6.88 -11.33 -13.55
CA MET D 680 -6.43 -10.13 -12.87
C MET D 680 -5.79 -9.11 -13.80
N SER D 681 -5.92 -9.30 -15.11
CA SER D 681 -5.34 -8.40 -16.10
C SER D 681 -6.42 -7.69 -16.90
N VAL D 682 -7.43 -7.17 -16.22
CA VAL D 682 -8.52 -6.40 -16.85
C VAL D 682 -8.49 -4.99 -16.28
N GLU D 683 -8.64 -4.00 -17.17
CA GLU D 683 -8.51 -2.61 -16.79
C GLU D 683 -9.87 -1.95 -16.48
N PHE D 684 -10.95 -2.72 -16.52
CA PHE D 684 -12.28 -2.14 -16.33
C PHE D 684 -12.76 -2.21 -14.88
N VAL D 685 -11.93 -2.69 -13.97
CA VAL D 685 -12.28 -2.70 -12.55
C VAL D 685 -11.53 -1.58 -11.86
N ARG D 686 -10.22 -1.53 -12.04
CA ARG D 686 -9.38 -0.44 -11.55
C ARG D 686 -8.79 0.25 -12.78
N SER D 687 -9.22 1.48 -13.05
CA SER D 687 -8.89 2.16 -14.29
C SER D 687 -7.38 2.28 -14.46
N GLY D 688 -6.88 1.80 -15.60
CA GLY D 688 -5.47 1.89 -15.91
C GLY D 688 -4.58 1.12 -14.96
N GLN D 689 -5.12 0.12 -14.26
CA GLN D 689 -4.35 -0.62 -13.28
C GLN D 689 -4.83 -2.06 -13.26
N TYR D 690 -3.95 -2.94 -12.77
CA TYR D 690 -4.31 -4.34 -12.59
C TYR D 690 -5.30 -4.48 -11.44
N THR D 691 -6.30 -5.33 -11.63
CA THR D 691 -7.22 -5.62 -10.53
C THR D 691 -6.56 -6.57 -9.54
N VAL D 692 -6.61 -6.21 -8.26
CA VAL D 692 -5.92 -6.99 -7.24
C VAL D 692 -6.54 -8.38 -7.12
N VAL D 693 -7.86 -8.48 -7.16
CA VAL D 693 -8.56 -9.75 -7.05
C VAL D 693 -9.09 -10.14 -8.42
N PRO D 694 -9.51 -11.38 -8.63
CA PRO D 694 -10.14 -11.72 -9.92
C PRO D 694 -11.37 -10.86 -10.16
N TYR D 695 -11.63 -10.58 -11.44
CA TYR D 695 -12.74 -9.69 -11.79
C TYR D 695 -14.12 -10.21 -11.44
N PRO D 696 -14.40 -11.52 -11.38
CA PRO D 696 -15.74 -11.94 -10.93
C PRO D 696 -16.08 -11.47 -9.54
N VAL D 697 -15.08 -11.21 -8.69
CA VAL D 697 -15.35 -10.62 -7.38
C VAL D 697 -16.01 -9.26 -7.54
N LYS D 698 -15.62 -8.53 -8.57
CA LYS D 698 -16.26 -7.24 -8.81
C LYS D 698 -17.72 -7.49 -9.08
N TYR D 699 -18.00 -8.44 -9.96
CA TYR D 699 -19.41 -8.72 -10.29
C TYR D 699 -20.20 -9.06 -9.04
N LEU D 700 -19.63 -9.87 -8.15
CA LEU D 700 -20.34 -10.28 -6.94
C LEU D 700 -20.64 -9.09 -6.04
N ARG D 701 -19.71 -8.14 -5.95
CA ARG D 701 -19.89 -7.02 -5.04
C ARG D 701 -21.09 -6.17 -5.44
N GLU D 702 -21.27 -5.91 -6.74
CA GLU D 702 -22.43 -5.14 -7.18
C GLU D 702 -23.73 -5.88 -6.91
N TYR D 703 -23.75 -7.20 -7.12
CA TYR D 703 -24.97 -7.96 -6.85
C TYR D 703 -25.33 -7.89 -5.37
N TRP D 704 -24.33 -8.00 -4.49
CA TRP D 704 -24.59 -7.89 -3.06
C TRP D 704 -25.04 -6.47 -2.70
N TYR D 705 -24.48 -5.46 -3.37
CA TYR D 705 -24.93 -4.10 -3.13
C TYR D 705 -26.39 -3.91 -3.53
N SER D 706 -26.80 -4.51 -4.64
CA SER D 706 -28.19 -4.43 -5.05
C SER D 706 -29.11 -5.10 -4.04
N ILE D 707 -28.66 -6.20 -3.44
CA ILE D 707 -29.43 -6.86 -2.39
C ILE D 707 -29.58 -5.94 -1.18
N LEU D 708 -28.50 -5.25 -0.81
CA LEU D 708 -28.54 -4.39 0.36
C LEU D 708 -29.53 -3.24 0.18
N ARG D 709 -29.79 -2.83 -1.05
CA ARG D 709 -30.69 -1.71 -1.30
C ARG D 709 -32.11 -2.03 -0.82
N GLN D 710 -32.60 -3.22 -1.14
CA GLN D 710 -33.94 -3.63 -0.75
C GLN D 710 -33.97 -4.45 0.54
N HIS D 711 -32.81 -4.69 1.16
CA HIS D 711 -32.71 -5.46 2.40
C HIS D 711 -31.90 -4.66 3.41
N PRO D 712 -32.48 -3.63 4.01
CA PRO D 712 -31.74 -2.84 5.01
C PRO D 712 -31.27 -3.65 6.20
N GLU D 713 -31.96 -4.74 6.54
CA GLU D 713 -31.56 -5.55 7.69
C GLU D 713 -30.21 -6.23 7.47
N TYR D 714 -29.81 -6.45 6.22
CA TYR D 714 -28.49 -7.01 5.94
C TYR D 714 -27.37 -5.99 5.99
N ARG D 715 -27.71 -4.70 6.01
CA ARG D 715 -26.72 -3.64 5.98
C ARG D 715 -25.91 -3.59 7.27
#